data_8F76
#
_entry.id   8F76
#
_cell.length_a   1.00
_cell.length_b   1.00
_cell.length_c   1.00
_cell.angle_alpha   90.00
_cell.angle_beta   90.00
_cell.angle_gamma   90.00
#
_symmetry.space_group_name_H-M   'P 1'
#
loop_
_entity.id
_entity.type
_entity.pdbx_description
1 polymer 'Olfactory receptor 51E2'
2 polymer 'Nanobody 35'
3 polymer 'Guanine nucleotide-binding protein G(s) subunit alpha isoforms short'
4 polymer 'Guanine nucleotide-binding protein G(I)/G(S)/G(T) subunit beta-1'
5 polymer 'Guanine nucleotide-binding protein G(I)/G(S)/G(O) subunit gamma-2'
6 non-polymer 'PROPANOIC ACID'
#
loop_
_entity_poly.entity_id
_entity_poly.type
_entity_poly.pdbx_seq_one_letter_code
_entity_poly.pdbx_strand_id
1 'polypeptide(L)'
;DYKDDDDASIDSSCNFTHATFVLIGIPGLEKAHFWVGFPLLSMYVVAMFGNCIVVFIVRTERSLHAPMYLFLCMLAAIDL
ALSTSTMPKILALFWFDSREISFEACLTQMFFIHALSAIESTILLAMAFDRYVAICHPLRHAAVLNNTVTAQIGIVAVVR
GSLFFFPLPLLIKRLAFCHSNVLSHSYCVHQDVMKLAYADTLPNVVYGLTAILLVMGVDVMFISLSYFLIIRTVLQLPSK
SERAKAFGTCVSHIGVVLAFYVPLIGLSVVHRFGNSLHPIVRVVMGDIYLLLPPVINPIIYGAKTKQIRTRVLAMFKISC
DKDLQAVGGK
;
A
2 'polypeptide(L)'
;QVQLQESGGGLVQPGGSLRLSCAASGFTFSNYKMNWVRQAPGKGLEWVSDISQSGASISYTGSVKGRFTISRDNAKNTLY
LQMNSLKPEDTAVYYCARCPAPFTRDCFDVTSTTYAYRGQGTQVTVSSLEVLFQGPGHHHHHHHH
;
N
3 'polypeptide(L)'
;GGSLEVLFQGPSGNSKTEDQRNEEKAQREANKKIEKQLQKDKQVYRATHRLLLLGADNSGKSTIVKQMRILHGGSGGSGG
TSGIFETKFQVDKVNFHMFDVGGQRDERRKWIQCFNDVTAIIFVVDSSDYNRLQEALNLFKSIWNNRWLRTISVILFLNK
QDLLAEKVLAGKSKIEDYFPEFARYTTPEDATPEPGEDPRVTRAKYFIRDEFLRISTASGDGRHYCYPHFTCAVDTENAR
RIFNDCRDIIQRMHLRQYELL
;
X
4 'polypeptide(L)'
;MHHHHHHLEVLFQGPEDQVDPRLIDGKGSSGSELDQLRQEAEQLKNQIRDARKACADATLSQITNNIDPVGRIQMRTRRT
LRGHLAKIYAMHWGTDSRLLVSASQDGKLIIWDSYTTNKVHAIPLRSSWVMTCAYAPSGNYVACGGLDNICSIYNLKTRE
GNVRVSRELAGHTGYLSCCRFLDDNQIVTSSGDTTCALWDIETGQQTTTFTGHTGDVMSLSLAPDTRLFVSGACDASAKL
WDVREGMCRQTFTGHESDINAICFFPNGNAFATGSDDATCRLFDLRADQELMTYSHDNIICGITSVSFSKSGRLLLAGYD
DFNCNVWDALKADRAGVLAGHDNRVSCLGVTDDGMAVATGSWDSFLKIWN
;
Y
5 'polypeptide(L)' MASNNTASIAQARKLVEQLKMEANIDRIKVSKAAADLMAYCEAHAKEDPLLTPVPASENPFREKKFFCAIL Z
#
# COMPACT_ATOMS: atom_id res chain seq x y z
N CYS A 14 7.90 -51.20 46.14
CA CYS A 14 8.44 -51.44 47.47
C CYS A 14 7.46 -50.98 48.55
N ASN A 15 7.98 -50.76 49.77
CA ASN A 15 7.11 -50.51 50.91
C ASN A 15 6.53 -49.10 50.92
N PHE A 16 7.25 -48.11 50.40
CA PHE A 16 6.77 -46.73 50.43
C PHE A 16 7.32 -45.97 49.24
N THR A 17 6.65 -44.87 48.92
CA THR A 17 7.05 -44.00 47.81
C THR A 17 7.50 -42.65 48.36
N HIS A 18 8.52 -42.08 47.73
CA HIS A 18 9.01 -40.78 48.14
C HIS A 18 8.06 -39.68 47.67
N ALA A 19 7.62 -38.84 48.61
CA ALA A 19 6.70 -37.76 48.32
C ALA A 19 7.40 -36.44 48.04
N THR A 20 8.73 -36.41 48.04
CA THR A 20 9.49 -35.19 47.83
C THR A 20 10.79 -35.53 47.13
N PHE A 21 11.01 -34.95 45.96
CA PHE A 21 12.23 -35.16 45.19
C PHE A 21 13.18 -33.98 45.39
N VAL A 22 14.47 -34.28 45.33
CA VAL A 22 15.52 -33.28 45.49
C VAL A 22 16.18 -33.07 44.13
N LEU A 23 16.18 -31.83 43.66
CA LEU A 23 16.83 -31.48 42.41
C LEU A 23 18.27 -31.06 42.69
N ILE A 24 19.18 -31.43 41.80
CA ILE A 24 20.61 -31.31 42.09
C ILE A 24 21.16 -30.00 41.53
N GLY A 25 20.55 -29.46 40.48
CA GLY A 25 21.14 -28.30 39.84
C GLY A 25 22.42 -28.67 39.09
N ILE A 26 23.36 -27.72 39.06
CA ILE A 26 24.66 -27.94 38.42
C ILE A 26 25.52 -28.82 39.33
N PRO A 27 26.02 -29.96 38.84
CA PRO A 27 26.82 -30.85 39.70
C PRO A 27 28.18 -30.28 40.06
N GLY A 28 28.94 -29.85 39.04
CA GLY A 28 30.30 -29.39 39.27
C GLY A 28 30.37 -28.07 40.03
N LEU A 29 29.52 -27.11 39.66
CA LEU A 29 29.49 -25.80 40.30
C LEU A 29 28.38 -25.79 41.33
N GLU A 30 28.75 -25.53 42.59
CA GLU A 30 27.79 -25.53 43.69
C GLU A 30 27.82 -24.25 44.50
N LYS A 31 29.00 -23.68 44.74
CA LYS A 31 29.11 -22.53 45.63
C LYS A 31 28.63 -21.24 44.96
N ALA A 32 28.88 -21.10 43.66
CA ALA A 32 28.54 -19.89 42.92
C ALA A 32 27.17 -19.98 42.26
N HIS A 33 26.24 -20.77 42.83
CA HIS A 33 24.91 -20.95 42.25
C HIS A 33 24.14 -19.64 42.20
N PHE A 34 24.28 -18.83 43.26
CA PHE A 34 23.69 -17.49 43.27
C PHE A 34 24.25 -16.61 42.17
N TRP A 35 25.53 -16.81 41.83
CA TRP A 35 26.11 -16.14 40.65
C TRP A 35 25.40 -16.58 39.38
N VAL A 36 25.10 -17.89 39.27
CA VAL A 36 24.31 -18.39 38.16
C VAL A 36 22.86 -17.89 38.28
N GLY A 37 22.43 -17.51 39.48
CA GLY A 37 21.14 -16.85 39.61
C GLY A 37 21.08 -15.46 39.01
N PHE A 38 22.22 -14.86 38.64
CA PHE A 38 22.21 -13.52 38.07
C PHE A 38 21.84 -13.45 36.59
N PRO A 39 22.37 -14.27 35.66
CA PRO A 39 21.94 -14.09 34.26
C PRO A 39 20.55 -14.67 33.98
N LEU A 40 20.23 -15.84 34.55
CA LEU A 40 19.00 -16.56 34.18
C LEU A 40 17.73 -15.77 34.50
N LEU A 41 17.72 -15.08 35.65
CA LEU A 41 16.65 -14.12 35.95
C LEU A 41 16.45 -13.11 34.83
N SER A 42 17.54 -12.48 34.40
CA SER A 42 17.50 -11.58 33.25
C SER A 42 17.05 -12.33 32.01
N MET A 43 17.60 -13.55 31.82
CA MET A 43 17.19 -14.42 30.73
C MET A 43 15.70 -14.70 30.79
N TYR A 44 15.18 -14.95 32.01
CA TYR A 44 13.76 -15.21 32.20
C TYR A 44 12.94 -14.03 31.72
N VAL A 45 13.33 -12.80 32.11
CA VAL A 45 12.47 -11.68 31.76
C VAL A 45 12.59 -11.40 30.26
N VAL A 46 13.76 -11.72 29.66
CA VAL A 46 13.91 -11.61 28.22
C VAL A 46 12.94 -12.54 27.54
N ALA A 47 12.85 -13.78 28.03
CA ALA A 47 11.90 -14.76 27.52
C ALA A 47 10.49 -14.24 27.64
N MET A 48 10.16 -13.68 28.83
CA MET A 48 8.83 -13.15 29.07
C MET A 48 8.54 -12.00 28.14
N PHE A 49 9.50 -11.07 28.01
CA PHE A 49 9.33 -9.95 27.10
C PHE A 49 9.26 -10.46 25.68
N GLY A 50 10.18 -11.37 25.33
CA GLY A 50 10.27 -11.91 24.00
C GLY A 50 9.13 -12.80 23.62
N ASN A 51 8.27 -13.15 24.57
CA ASN A 51 7.01 -13.77 24.22
C ASN A 51 5.88 -12.77 24.31
N CYS A 52 5.75 -12.07 25.44
CA CYS A 52 4.44 -11.54 25.85
C CYS A 52 4.04 -10.37 24.97
N ILE A 53 4.95 -9.40 24.83
CA ILE A 53 4.77 -8.28 23.92
C ILE A 53 4.58 -8.79 22.49
N VAL A 54 5.36 -9.82 22.12
CA VAL A 54 5.22 -10.44 20.80
C VAL A 54 3.86 -11.06 20.63
N VAL A 55 3.36 -11.74 21.69
CA VAL A 55 2.01 -12.29 21.66
C VAL A 55 0.99 -11.16 21.55
N PHE A 56 1.26 -10.05 22.26
CA PHE A 56 0.43 -8.86 22.18
C PHE A 56 0.42 -8.28 20.77
N ILE A 57 1.55 -8.36 20.08
CA ILE A 57 1.65 -7.84 18.71
C ILE A 57 0.78 -8.67 17.76
N VAL A 58 0.55 -9.95 18.07
CA VAL A 58 -0.27 -10.74 17.16
C VAL A 58 -1.52 -11.07 17.99
N ARG A 59 -1.90 -10.16 18.88
CA ARG A 59 -3.21 -10.29 19.51
C ARG A 59 -4.15 -9.15 19.16
N THR A 60 -3.71 -7.90 19.36
CA THR A 60 -4.57 -6.76 19.05
C THR A 60 -4.49 -6.36 17.58
N GLU A 61 -3.34 -6.55 16.94
CA GLU A 61 -3.16 -6.15 15.56
C GLU A 61 -3.75 -7.22 14.65
N ARG A 62 -4.85 -6.90 13.97
CA ARG A 62 -5.43 -7.82 13.00
C ARG A 62 -4.78 -7.72 11.64
N SER A 63 -3.86 -6.77 11.44
CA SER A 63 -3.07 -6.74 10.22
C SER A 63 -2.08 -7.91 10.17
N LEU A 64 -1.66 -8.40 11.33
CA LEU A 64 -0.73 -9.51 11.43
C LEU A 64 -1.44 -10.83 11.68
N HIS A 65 -2.65 -11.00 11.14
CA HIS A 65 -3.35 -12.27 11.22
C HIS A 65 -3.09 -13.13 9.99
N ALA A 66 -1.81 -13.30 9.69
CA ALA A 66 -1.35 -14.26 8.70
C ALA A 66 -1.16 -15.61 9.36
N PRO A 67 -1.09 -16.71 8.58
CA PRO A 67 -0.70 -18.00 9.17
C PRO A 67 0.69 -17.97 9.78
N MET A 68 1.63 -17.23 9.18
CA MET A 68 3.00 -17.19 9.67
C MET A 68 3.07 -16.48 11.02
N TYR A 69 2.42 -15.32 11.14
CA TYR A 69 2.48 -14.57 12.38
C TYR A 69 1.64 -15.23 13.47
N LEU A 70 0.58 -15.95 13.10
CA LEU A 70 -0.16 -16.72 14.09
C LEU A 70 0.65 -17.90 14.60
N PHE A 71 1.46 -18.52 13.72
CA PHE A 71 2.39 -19.55 14.18
C PHE A 71 3.45 -18.95 15.10
N LEU A 72 3.89 -17.73 14.81
CA LEU A 72 4.80 -17.00 15.71
C LEU A 72 4.17 -16.75 17.07
N CYS A 73 2.90 -16.32 17.07
CA CYS A 73 2.20 -16.02 18.31
C CYS A 73 2.00 -17.28 19.14
N MET A 74 1.62 -18.39 18.50
CA MET A 74 1.42 -19.62 19.24
C MET A 74 2.74 -20.20 19.74
N LEU A 75 3.81 -20.08 18.94
CA LEU A 75 5.12 -20.52 19.38
C LEU A 75 5.61 -19.71 20.58
N ALA A 76 5.35 -18.40 20.58
CA ALA A 76 5.70 -17.58 21.73
C ALA A 76 4.82 -17.89 22.94
N ALA A 77 3.57 -18.29 22.71
CA ALA A 77 2.71 -18.71 23.83
C ALA A 77 3.21 -20.00 24.46
N ILE A 78 3.63 -20.96 23.64
CA ILE A 78 4.21 -22.20 24.16
C ILE A 78 5.54 -21.90 24.85
N ASP A 79 6.31 -20.96 24.32
CA ASP A 79 7.58 -20.59 24.95
C ASP A 79 7.39 -19.93 26.30
N LEU A 80 6.38 -19.06 26.44
CA LEU A 80 6.14 -18.47 27.75
C LEU A 80 5.55 -19.48 28.73
N ALA A 81 4.75 -20.44 28.24
CA ALA A 81 4.26 -21.50 29.11
C ALA A 81 5.39 -22.41 29.59
N LEU A 82 6.32 -22.76 28.68
CA LEU A 82 7.47 -23.57 29.06
C LEU A 82 8.41 -22.81 29.99
N SER A 83 8.55 -21.50 29.76
CA SER A 83 9.34 -20.65 30.63
C SER A 83 8.73 -20.56 32.03
N THR A 84 7.40 -20.45 32.11
CA THR A 84 6.73 -20.44 33.41
C THR A 84 6.83 -21.79 34.09
N SER A 85 6.90 -22.87 33.31
CA SER A 85 7.04 -24.19 33.90
C SER A 85 8.45 -24.43 34.43
N THR A 86 9.47 -23.89 33.75
CA THR A 86 10.86 -24.22 34.07
C THR A 86 11.56 -23.16 34.92
N MET A 87 11.56 -21.90 34.49
CA MET A 87 12.38 -20.86 35.09
C MET A 87 12.16 -20.55 36.57
N PRO A 88 10.93 -20.42 37.12
CA PRO A 88 10.83 -20.05 38.55
C PRO A 88 11.35 -21.12 39.49
N LYS A 89 11.22 -22.40 39.16
CA LYS A 89 11.75 -23.44 40.04
C LYS A 89 13.27 -23.44 40.03
N ILE A 90 13.88 -23.24 38.85
CA ILE A 90 15.34 -23.17 38.75
C ILE A 90 15.87 -21.93 39.46
N LEU A 91 15.16 -20.80 39.34
CA LEU A 91 15.60 -19.58 40.00
C LEU A 91 15.47 -19.67 41.51
N ALA A 92 14.38 -20.27 42.00
CA ALA A 92 14.24 -20.50 43.43
C ALA A 92 15.27 -21.50 43.95
N LEU A 93 15.64 -22.47 43.12
CA LEU A 93 16.71 -23.42 43.46
C LEU A 93 18.04 -22.70 43.59
N PHE A 94 18.39 -21.86 42.62
CA PHE A 94 19.71 -21.26 42.59
C PHE A 94 19.82 -20.05 43.50
N TRP A 95 18.70 -19.51 43.98
CA TRP A 95 18.72 -18.45 44.98
C TRP A 95 18.56 -18.98 46.39
N PHE A 96 17.43 -19.61 46.68
CA PHE A 96 17.03 -19.90 48.05
C PHE A 96 17.34 -21.31 48.49
N ASP A 97 18.05 -22.09 47.65
CA ASP A 97 18.37 -23.50 47.86
C ASP A 97 17.11 -24.32 48.12
N SER A 98 16.04 -24.01 47.38
CA SER A 98 14.78 -24.76 47.48
C SER A 98 14.80 -25.91 46.46
N ARG A 99 15.64 -26.89 46.77
CA ARG A 99 15.81 -28.04 45.88
C ARG A 99 14.67 -29.03 45.97
N GLU A 100 13.84 -28.93 47.00
CA GLU A 100 12.76 -29.90 47.21
C GLU A 100 11.56 -29.56 46.32
N ILE A 101 10.96 -30.59 45.73
CA ILE A 101 9.75 -30.45 44.93
C ILE A 101 8.81 -31.59 45.30
N SER A 102 7.54 -31.25 45.50
CA SER A 102 6.55 -32.28 45.85
C SER A 102 6.26 -33.17 44.65
N PHE A 103 5.77 -34.38 44.94
CA PHE A 103 5.63 -35.41 43.92
C PHE A 103 4.55 -35.05 42.89
N GLU A 104 3.43 -34.49 43.35
CA GLU A 104 2.39 -34.07 42.42
C GLU A 104 2.85 -32.92 41.54
N ALA A 105 3.58 -31.96 42.13
CA ALA A 105 4.16 -30.88 41.34
C ALA A 105 5.26 -31.38 40.43
N CYS A 106 5.99 -32.43 40.84
CA CYS A 106 6.99 -33.03 39.97
C CYS A 106 6.36 -33.68 38.76
N LEU A 107 5.25 -34.41 38.95
CA LEU A 107 4.55 -35.02 37.82
C LEU A 107 3.90 -33.96 36.93
N THR A 108 3.39 -32.88 37.54
CA THR A 108 2.84 -31.78 36.78
C THR A 108 3.91 -31.11 35.93
N GLN A 109 5.09 -30.89 36.50
CA GLN A 109 6.20 -30.29 35.76
C GLN A 109 6.68 -31.22 34.65
N MET A 110 6.75 -32.53 34.92
CA MET A 110 7.15 -33.52 33.92
C MET A 110 6.21 -33.50 32.72
N PHE A 111 4.89 -33.62 32.98
CA PHE A 111 3.92 -33.56 31.90
C PHE A 111 3.94 -32.23 31.18
N PHE A 112 4.03 -31.12 31.91
CA PHE A 112 3.87 -29.84 31.24
C PHE A 112 5.10 -29.49 30.40
N ILE A 113 6.30 -29.79 30.87
CA ILE A 113 7.44 -29.48 30.01
C ILE A 113 7.59 -30.49 28.87
N HIS A 114 7.20 -31.77 29.06
CA HIS A 114 7.24 -32.70 27.93
C HIS A 114 6.16 -32.41 26.90
N ALA A 115 4.94 -32.11 27.36
CA ALA A 115 3.85 -31.79 26.47
C ALA A 115 4.06 -30.46 25.76
N LEU A 116 4.59 -29.46 26.46
CA LEU A 116 4.87 -28.19 25.81
C LEU A 116 6.05 -28.29 24.86
N SER A 117 7.02 -29.18 25.14
CA SER A 117 8.05 -29.48 24.16
C SER A 117 7.45 -30.13 22.91
N ALA A 118 6.48 -31.02 23.09
CA ALA A 118 5.80 -31.64 21.95
C ALA A 118 5.01 -30.65 21.14
N ILE A 119 4.25 -29.78 21.80
CA ILE A 119 3.41 -28.82 21.10
C ILE A 119 4.28 -27.77 20.42
N GLU A 120 5.38 -27.36 21.05
CA GLU A 120 6.35 -26.48 20.39
C GLU A 120 7.01 -27.16 19.20
N SER A 121 7.26 -28.46 19.32
CA SER A 121 7.88 -29.21 18.24
C SER A 121 6.97 -29.31 17.02
N THR A 122 5.69 -29.63 17.22
CA THR A 122 4.80 -29.70 16.07
C THR A 122 4.36 -28.32 15.57
N ILE A 123 4.40 -27.28 16.41
CA ILE A 123 4.22 -25.93 15.89
C ILE A 123 5.41 -25.51 15.04
N LEU A 124 6.63 -25.90 15.44
CA LEU A 124 7.81 -25.67 14.60
C LEU A 124 7.74 -26.46 13.30
N LEU A 125 7.16 -27.66 13.35
CA LEU A 125 6.87 -28.42 12.14
C LEU A 125 5.88 -27.68 11.25
N ALA A 126 4.86 -27.06 11.85
CA ALA A 126 3.89 -26.28 11.08
C ALA A 126 4.52 -25.04 10.45
N MET A 127 5.42 -24.37 11.18
CA MET A 127 6.16 -23.25 10.59
C MET A 127 7.06 -23.69 9.46
N ALA A 128 7.71 -24.84 9.60
CA ALA A 128 8.58 -25.32 8.52
C ALA A 128 7.78 -25.72 7.29
N PHE A 129 6.61 -26.33 7.49
CA PHE A 129 5.72 -26.64 6.37
C PHE A 129 5.19 -25.36 5.71
N ASP A 130 4.83 -24.37 6.53
CA ASP A 130 4.35 -23.09 6.00
C ASP A 130 5.45 -22.37 5.21
N ARG A 131 6.68 -22.41 5.72
CA ARG A 131 7.81 -21.79 5.02
C ARG A 131 8.12 -22.52 3.73
N TYR A 132 8.06 -23.86 3.73
CA TYR A 132 8.33 -24.62 2.51
C TYR A 132 7.26 -24.38 1.46
N VAL A 133 5.99 -24.37 1.85
CA VAL A 133 4.92 -24.11 0.89
C VAL A 133 4.97 -22.67 0.41
N ALA A 134 5.32 -21.73 1.28
CA ALA A 134 5.34 -20.33 0.86
C ALA A 134 6.55 -19.97 0.01
N ILE A 135 7.66 -20.68 0.15
CA ILE A 135 8.85 -20.35 -0.64
C ILE A 135 8.95 -21.23 -1.89
N CYS A 136 8.83 -22.55 -1.73
CA CYS A 136 9.04 -23.46 -2.84
C CYS A 136 7.81 -23.66 -3.71
N HIS A 137 6.62 -23.39 -3.20
CA HIS A 137 5.38 -23.45 -4.00
C HIS A 137 4.58 -22.16 -3.79
N PRO A 138 5.13 -21.01 -4.17
CA PRO A 138 4.60 -19.74 -3.63
C PRO A 138 3.25 -19.33 -4.17
N LEU A 139 2.81 -19.88 -5.29
CA LEU A 139 1.48 -19.58 -5.81
C LEU A 139 0.41 -20.48 -5.23
N ARG A 140 0.78 -21.52 -4.49
CA ARG A 140 -0.17 -22.37 -3.79
C ARG A 140 -0.22 -22.08 -2.29
N HIS A 141 0.45 -21.02 -1.83
CA HIS A 141 0.51 -20.75 -0.41
C HIS A 141 -0.82 -20.21 0.13
N ALA A 142 -1.44 -19.29 -0.62
CA ALA A 142 -2.71 -18.73 -0.17
C ALA A 142 -3.85 -19.73 -0.35
N ALA A 143 -3.74 -20.62 -1.33
CA ALA A 143 -4.79 -21.61 -1.57
C ALA A 143 -4.75 -22.76 -0.57
N VAL A 144 -3.64 -22.96 0.12
CA VAL A 144 -3.50 -24.06 1.07
C VAL A 144 -3.62 -23.57 2.52
N LEU A 145 -2.87 -22.54 2.88
CA LEU A 145 -2.75 -22.12 4.27
C LEU A 145 -3.50 -20.81 4.49
N ASN A 146 -4.47 -20.85 5.40
CA ASN A 146 -5.20 -19.68 5.85
C ASN A 146 -5.32 -19.74 7.37
N ASN A 147 -6.14 -18.87 7.95
CA ASN A 147 -6.20 -18.78 9.41
C ASN A 147 -7.00 -19.94 10.00
N THR A 148 -7.99 -20.46 9.27
CA THR A 148 -8.80 -21.56 9.75
C THR A 148 -7.97 -22.84 9.89
N VAL A 149 -7.14 -23.14 8.88
CA VAL A 149 -6.29 -24.32 8.99
C VAL A 149 -5.16 -24.07 9.98
N THR A 150 -4.78 -22.81 10.21
CA THR A 150 -3.79 -22.49 11.24
C THR A 150 -4.33 -22.81 12.63
N ALA A 151 -5.58 -22.43 12.90
CA ALA A 151 -6.23 -22.80 14.15
C ALA A 151 -6.42 -24.31 14.27
N GLN A 152 -6.75 -24.98 13.15
CA GLN A 152 -6.93 -26.42 13.17
C GLN A 152 -5.63 -27.16 13.47
N ILE A 153 -4.52 -26.72 12.87
CA ILE A 153 -3.19 -27.25 13.21
C ILE A 153 -2.84 -26.96 14.66
N GLY A 154 -3.28 -25.82 15.19
CA GLY A 154 -3.07 -25.55 16.61
C GLY A 154 -3.79 -26.51 17.54
N ILE A 155 -5.06 -26.80 17.26
CA ILE A 155 -5.80 -27.78 18.08
C ILE A 155 -5.20 -29.18 17.91
N VAL A 156 -4.81 -29.55 16.69
CA VAL A 156 -4.15 -30.84 16.46
C VAL A 156 -2.81 -30.90 17.20
N ALA A 157 -2.10 -29.77 17.27
CA ALA A 157 -0.84 -29.68 17.99
C ALA A 157 -1.03 -29.94 19.48
N VAL A 158 -2.00 -29.26 20.08
CA VAL A 158 -2.26 -29.41 21.51
C VAL A 158 -2.73 -30.82 21.85
N VAL A 159 -3.64 -31.38 21.04
CA VAL A 159 -4.12 -32.72 21.35
C VAL A 159 -3.06 -33.77 21.05
N ARG A 160 -2.15 -33.49 20.11
CA ARG A 160 -1.06 -34.42 19.80
C ARG A 160 -0.08 -34.50 20.95
N GLY A 161 0.34 -33.35 21.48
CA GLY A 161 1.23 -33.34 22.62
C GLY A 161 0.61 -33.95 23.86
N SER A 162 -0.65 -33.56 24.16
CA SER A 162 -1.32 -34.06 25.35
C SER A 162 -1.61 -35.56 25.27
N LEU A 163 -2.07 -36.05 24.11
CA LEU A 163 -2.37 -37.46 23.95
C LEU A 163 -1.10 -38.31 23.94
N PHE A 164 -0.02 -37.79 23.36
CA PHE A 164 1.22 -38.57 23.35
C PHE A 164 1.94 -38.55 24.68
N PHE A 165 1.68 -37.58 25.57
CA PHE A 165 2.49 -37.50 26.77
C PHE A 165 1.71 -37.48 28.08
N PHE A 166 0.39 -37.72 28.05
CA PHE A 166 -0.39 -38.09 29.23
C PHE A 166 -0.10 -39.51 29.77
N PRO A 167 0.29 -40.49 28.94
CA PRO A 167 0.82 -41.73 29.54
C PRO A 167 2.11 -41.57 30.35
N LEU A 168 2.85 -40.46 30.28
CA LEU A 168 3.98 -40.32 31.20
C LEU A 168 3.53 -40.14 32.66
N PRO A 169 2.59 -39.23 33.01
CA PRO A 169 2.04 -39.31 34.37
C PRO A 169 1.15 -40.52 34.61
N LEU A 170 0.65 -41.19 33.57
CA LEU A 170 -0.05 -42.45 33.83
C LEU A 170 0.90 -43.59 34.20
N LEU A 171 2.14 -43.58 33.69
CA LEU A 171 3.05 -44.69 33.92
C LEU A 171 4.09 -44.43 34.99
N ILE A 172 4.39 -43.17 35.33
CA ILE A 172 5.32 -42.92 36.43
C ILE A 172 4.67 -43.29 37.77
N LYS A 173 3.35 -43.09 37.88
CA LYS A 173 2.62 -43.41 39.11
C LYS A 173 2.61 -44.89 39.45
N ARG A 174 2.88 -45.76 38.48
CA ARG A 174 2.99 -47.19 38.77
C ARG A 174 4.24 -47.51 39.57
N LEU A 175 5.31 -46.72 39.41
CA LEU A 175 6.57 -46.99 40.07
C LEU A 175 6.51 -46.60 41.54
N ALA A 176 7.40 -47.21 42.33
CA ALA A 176 7.53 -46.94 43.75
C ALA A 176 8.95 -46.46 44.02
N PHE A 177 9.08 -45.20 44.45
CA PHE A 177 10.38 -44.53 44.59
C PHE A 177 10.82 -44.62 46.05
N CYS A 178 11.74 -45.53 46.34
CA CYS A 178 12.26 -45.67 47.69
C CYS A 178 13.77 -45.79 47.79
N HIS A 179 14.48 -46.22 46.74
CA HIS A 179 15.91 -46.45 46.86
C HIS A 179 16.74 -45.18 46.64
N SER A 180 16.15 -44.13 46.08
CA SER A 180 16.87 -42.88 45.85
C SER A 180 15.87 -41.74 45.82
N ASN A 181 16.38 -40.52 46.05
CA ASN A 181 15.51 -39.36 46.14
C ASN A 181 16.02 -38.20 45.29
N VAL A 182 17.32 -38.13 45.07
CA VAL A 182 17.93 -36.99 44.39
C VAL A 182 17.80 -37.19 42.87
N LEU A 183 17.40 -36.12 42.18
CA LEU A 183 17.27 -36.14 40.73
C LEU A 183 18.57 -35.69 40.08
N SER A 184 18.57 -35.65 38.75
CA SER A 184 19.77 -35.31 37.99
C SER A 184 19.60 -34.03 37.18
N HIS A 185 18.66 -33.17 37.56
CA HIS A 185 18.39 -31.94 36.83
C HIS A 185 17.92 -30.88 37.81
N SER A 186 17.58 -29.71 37.29
CA SER A 186 16.98 -28.63 38.06
C SER A 186 15.46 -28.66 37.98
N TYR A 187 14.89 -29.75 37.51
CA TYR A 187 13.49 -29.88 37.11
C TYR A 187 13.17 -31.35 36.94
N CYS A 188 11.88 -31.65 36.77
CA CYS A 188 11.41 -33.02 36.66
C CYS A 188 11.18 -33.36 35.19
N VAL A 189 11.84 -34.42 34.73
CA VAL A 189 11.60 -34.99 33.41
C VAL A 189 11.38 -36.49 33.57
N HIS A 190 10.78 -37.08 32.53
CA HIS A 190 10.63 -38.53 32.45
C HIS A 190 11.96 -39.23 32.20
N GLN A 191 12.99 -38.47 31.86
CA GLN A 191 14.34 -39.01 31.67
C GLN A 191 14.88 -39.65 32.95
N ASP A 192 14.80 -38.93 34.08
CA ASP A 192 15.57 -39.30 35.25
C ASP A 192 14.74 -39.73 36.46
N VAL A 193 13.44 -39.42 36.48
CA VAL A 193 12.60 -39.82 37.61
C VAL A 193 12.45 -41.35 37.63
N MET A 194 12.27 -41.96 36.46
CA MET A 194 12.09 -43.41 36.37
C MET A 194 13.34 -44.19 36.76
N LYS A 195 14.52 -43.57 36.73
CA LYS A 195 15.73 -44.26 37.13
C LYS A 195 15.89 -44.36 38.64
N LEU A 196 15.08 -43.65 39.41
CA LEU A 196 15.16 -43.67 40.86
C LEU A 196 14.43 -44.84 41.49
N ALA A 197 13.71 -45.63 40.69
CA ALA A 197 12.96 -46.78 41.19
C ALA A 197 13.41 -48.03 40.46
N TYR A 198 13.54 -49.13 41.19
CA TYR A 198 13.86 -50.42 40.60
C TYR A 198 12.58 -51.12 40.17
N ALA A 199 12.66 -51.83 39.04
CA ALA A 199 11.62 -52.64 38.40
C ALA A 199 10.49 -51.80 37.81
N ASP A 200 9.81 -52.37 36.80
CA ASP A 200 8.75 -51.74 36.02
C ASP A 200 9.20 -50.42 35.41
N THR A 201 10.44 -50.39 34.91
CA THR A 201 10.96 -49.22 34.21
C THR A 201 11.16 -49.46 32.72
N LEU A 202 11.26 -50.73 32.32
CA LEU A 202 11.36 -51.06 30.89
C LEU A 202 10.15 -50.61 30.05
N PRO A 203 8.88 -50.78 30.46
CA PRO A 203 7.80 -50.13 29.70
C PRO A 203 7.90 -48.61 29.66
N ASN A 204 8.36 -47.99 30.75
CA ASN A 204 8.57 -46.55 30.76
C ASN A 204 9.68 -46.14 29.80
N VAL A 205 10.78 -46.90 29.78
CA VAL A 205 11.89 -46.62 28.88
C VAL A 205 11.46 -46.75 27.42
N VAL A 206 10.75 -47.84 27.10
CA VAL A 206 10.35 -48.11 25.73
C VAL A 206 9.32 -47.09 25.26
N TYR A 207 8.31 -46.78 26.09
CA TYR A 207 7.31 -45.81 25.70
C TYR A 207 7.87 -44.41 25.57
N GLY A 208 8.73 -43.99 26.52
CA GLY A 208 9.28 -42.66 26.45
C GLY A 208 10.21 -42.46 25.27
N LEU A 209 11.07 -43.45 25.00
CA LEU A 209 11.95 -43.36 23.84
C LEU A 209 11.17 -43.37 22.53
N THR A 210 10.13 -44.21 22.43
CA THR A 210 9.34 -44.24 21.20
C THR A 210 8.52 -42.97 21.02
N ALA A 211 8.04 -42.38 22.11
CA ALA A 211 7.31 -41.12 22.01
C ALA A 211 8.20 -39.99 21.54
N ILE A 212 9.41 -39.90 22.10
CA ILE A 212 10.39 -38.90 21.65
C ILE A 212 10.76 -39.11 20.19
N LEU A 213 11.11 -40.35 19.80
CA LEU A 213 11.54 -40.62 18.43
C LEU A 213 10.42 -40.36 17.42
N LEU A 214 9.24 -40.95 17.64
CA LEU A 214 8.08 -40.70 16.76
C LEU A 214 7.73 -39.23 16.65
N VAL A 215 7.30 -38.58 17.74
CA VAL A 215 6.83 -37.19 17.65
C VAL A 215 7.96 -36.25 17.23
N MET A 216 8.99 -36.14 18.06
CA MET A 216 9.97 -35.09 17.83
C MET A 216 10.99 -35.48 16.76
N GLY A 217 11.31 -36.77 16.59
CA GLY A 217 12.16 -37.17 15.48
C GLY A 217 11.51 -36.99 14.12
N VAL A 218 10.21 -37.35 13.99
CA VAL A 218 9.52 -37.10 12.73
C VAL A 218 9.42 -35.59 12.48
N ASP A 219 9.22 -34.81 13.54
CA ASP A 219 9.20 -33.36 13.42
C ASP A 219 10.54 -32.81 12.96
N VAL A 220 11.65 -33.31 13.52
CA VAL A 220 12.95 -32.74 13.16
C VAL A 220 13.40 -33.20 11.78
N MET A 221 13.05 -34.42 11.35
CA MET A 221 13.36 -34.82 9.98
C MET A 221 12.55 -34.04 8.96
N PHE A 222 11.28 -33.74 9.27
CA PHE A 222 10.52 -32.94 8.31
C PHE A 222 10.91 -31.47 8.33
N ILE A 223 11.33 -30.93 9.48
CA ILE A 223 11.83 -29.55 9.53
C ILE A 223 13.15 -29.44 8.77
N SER A 224 14.03 -30.43 8.94
CA SER A 224 15.29 -30.43 8.19
C SER A 224 15.06 -30.64 6.69
N LEU A 225 14.07 -31.45 6.31
CA LEU A 225 13.72 -31.60 4.90
C LEU A 225 13.16 -30.31 4.32
N SER A 226 12.32 -29.61 5.09
CA SER A 226 11.81 -28.31 4.67
C SER A 226 12.92 -27.29 4.50
N TYR A 227 13.87 -27.26 5.43
CA TYR A 227 14.96 -26.30 5.33
C TYR A 227 15.94 -26.66 4.24
N PHE A 228 16.14 -27.95 3.97
CA PHE A 228 16.98 -28.37 2.84
C PHE A 228 16.34 -27.99 1.51
N LEU A 229 15.03 -28.17 1.39
CA LEU A 229 14.35 -27.79 0.16
C LEU A 229 14.30 -26.27 0.00
N ILE A 230 14.19 -25.53 1.10
CA ILE A 230 14.24 -24.07 1.05
C ILE A 230 15.64 -23.59 0.66
N ILE A 231 16.68 -24.26 1.16
CA ILE A 231 18.05 -23.94 0.77
C ILE A 231 18.28 -24.24 -0.70
N ARG A 232 17.76 -25.37 -1.19
CA ARG A 232 17.86 -25.71 -2.60
C ARG A 232 17.10 -24.74 -3.48
N THR A 233 16.01 -24.17 -2.97
CA THR A 233 15.29 -23.13 -3.72
C THR A 233 16.07 -21.83 -3.75
N VAL A 234 16.60 -21.39 -2.60
CA VAL A 234 17.25 -20.07 -2.53
C VAL A 234 18.68 -20.08 -3.01
N LEU A 235 19.27 -21.25 -3.28
CA LEU A 235 20.56 -21.28 -3.94
C LEU A 235 20.44 -21.11 -5.45
N GLN A 236 19.22 -21.10 -5.98
CA GLN A 236 18.96 -20.86 -7.39
C GLN A 236 18.68 -19.39 -7.68
N LEU A 237 18.82 -18.51 -6.69
CA LEU A 237 18.66 -17.08 -6.94
C LEU A 237 19.82 -16.57 -7.79
N PRO A 238 19.57 -15.63 -8.71
CA PRO A 238 20.64 -15.21 -9.62
C PRO A 238 21.68 -14.32 -8.98
N SER A 239 21.31 -13.54 -7.96
CA SER A 239 22.23 -12.58 -7.36
C SER A 239 23.05 -13.24 -6.25
N LYS A 240 24.27 -12.72 -6.05
CA LYS A 240 25.16 -13.23 -5.02
C LYS A 240 24.71 -12.82 -3.62
N SER A 241 24.30 -11.56 -3.46
CA SER A 241 24.04 -11.02 -2.13
C SER A 241 22.77 -11.59 -1.52
N GLU A 242 21.70 -11.70 -2.32
CA GLU A 242 20.44 -12.24 -1.80
C GLU A 242 20.56 -13.73 -1.51
N ARG A 243 21.31 -14.46 -2.35
CA ARG A 243 21.56 -15.87 -2.08
C ARG A 243 22.40 -16.06 -0.81
N ALA A 244 23.41 -15.20 -0.61
CA ALA A 244 24.22 -15.27 0.61
C ALA A 244 23.40 -14.94 1.86
N LYS A 245 22.53 -13.93 1.77
CA LYS A 245 21.69 -13.58 2.91
C LYS A 245 20.68 -14.68 3.23
N ALA A 246 20.08 -15.27 2.19
CA ALA A 246 19.12 -16.36 2.41
C ALA A 246 19.80 -17.59 2.98
N PHE A 247 21.01 -17.91 2.51
CA PHE A 247 21.74 -19.03 3.07
C PHE A 247 22.17 -18.77 4.50
N GLY A 248 22.56 -17.53 4.82
CA GLY A 248 22.93 -17.21 6.20
C GLY A 248 21.75 -17.29 7.15
N THR A 249 20.58 -16.78 6.73
CA THR A 249 19.39 -16.88 7.56
C THR A 249 18.93 -18.33 7.70
N CYS A 250 19.09 -19.13 6.64
CA CYS A 250 18.75 -20.56 6.72
C CYS A 250 19.68 -21.30 7.68
N VAL A 251 20.99 -21.01 7.65
CA VAL A 251 21.93 -21.64 8.57
C VAL A 251 21.64 -21.22 10.00
N SER A 252 21.26 -19.96 10.22
CA SER A 252 20.88 -19.52 11.57
C SER A 252 19.61 -20.23 12.06
N HIS A 253 18.63 -20.40 11.17
CA HIS A 253 17.39 -21.09 11.55
C HIS A 253 17.61 -22.56 11.83
N ILE A 254 18.43 -23.23 11.01
CA ILE A 254 18.77 -24.63 11.24
C ILE A 254 19.58 -24.77 12.52
N GLY A 255 20.45 -23.79 12.81
CA GLY A 255 21.19 -23.81 14.06
C GLY A 255 20.31 -23.69 15.28
N VAL A 256 19.29 -22.82 15.24
CA VAL A 256 18.36 -22.69 16.36
C VAL A 256 17.49 -23.94 16.50
N VAL A 257 17.02 -24.50 15.37
CA VAL A 257 16.21 -25.72 15.39
C VAL A 257 17.02 -26.90 15.93
N LEU A 258 18.27 -27.04 15.52
CA LEU A 258 19.11 -28.10 16.05
C LEU A 258 19.49 -27.85 17.50
N ALA A 259 19.66 -26.59 17.91
CA ALA A 259 19.88 -26.28 19.32
C ALA A 259 18.65 -26.49 20.19
N PHE A 260 17.47 -26.65 19.58
CA PHE A 260 16.32 -27.13 20.33
C PHE A 260 16.18 -28.66 20.30
N TYR A 261 16.52 -29.28 19.17
CA TYR A 261 16.17 -30.68 18.92
C TYR A 261 17.28 -31.68 19.26
N VAL A 262 18.54 -31.36 18.95
CA VAL A 262 19.63 -32.28 19.29
C VAL A 262 19.83 -32.44 20.79
N PRO A 263 19.80 -31.40 21.64
CA PRO A 263 19.81 -31.67 23.10
C PRO A 263 18.63 -32.47 23.62
N LEU A 264 17.46 -32.37 23.00
CA LEU A 264 16.30 -33.20 23.33
C LEU A 264 16.57 -34.68 23.19
N ILE A 265 16.82 -35.12 21.95
CA ILE A 265 17.05 -36.53 21.65
C ILE A 265 18.34 -37.00 22.30
N GLY A 266 19.32 -36.09 22.44
CA GLY A 266 20.52 -36.42 23.19
C GLY A 266 20.26 -36.69 24.66
N LEU A 267 19.38 -35.90 25.28
CA LEU A 267 19.00 -36.14 26.67
C LEU A 267 18.28 -37.46 26.81
N SER A 268 17.42 -37.78 25.84
CA SER A 268 16.74 -39.08 25.83
C SER A 268 17.72 -40.24 25.72
N VAL A 269 18.73 -40.12 24.85
CA VAL A 269 19.64 -41.25 24.66
C VAL A 269 20.74 -41.30 25.72
N VAL A 270 21.04 -40.20 26.42
CA VAL A 270 21.97 -40.30 27.55
C VAL A 270 21.27 -40.64 28.85
N HIS A 271 19.94 -40.56 28.91
CA HIS A 271 19.25 -41.13 30.05
C HIS A 271 18.75 -42.54 29.78
N ARG A 272 18.68 -42.97 28.52
CA ARG A 272 18.36 -44.36 28.22
C ARG A 272 19.62 -45.22 28.18
N PHE A 273 20.64 -44.77 27.46
CA PHE A 273 21.83 -45.57 27.21
C PHE A 273 23.09 -44.94 27.81
N GLY A 274 23.36 -43.67 27.53
CA GLY A 274 24.60 -43.05 27.96
C GLY A 274 24.63 -42.60 29.40
N ASN A 275 24.39 -43.53 30.33
CA ASN A 275 24.39 -43.20 31.75
C ASN A 275 25.80 -43.14 32.34
N SER A 276 26.81 -43.63 31.62
CA SER A 276 28.18 -43.64 32.11
C SER A 276 28.91 -42.34 31.86
N LEU A 277 28.27 -41.37 31.21
CA LEU A 277 28.90 -40.08 30.96
C LEU A 277 28.92 -39.24 32.23
N HIS A 278 29.65 -38.13 32.18
CA HIS A 278 29.67 -37.19 33.28
C HIS A 278 28.31 -36.50 33.38
N PRO A 279 27.86 -36.17 34.60
CA PRO A 279 26.57 -35.47 34.73
C PRO A 279 26.55 -34.05 34.17
N ILE A 280 27.71 -33.41 33.98
CA ILE A 280 27.71 -32.00 33.57
C ILE A 280 27.27 -31.84 32.13
N VAL A 281 27.60 -32.79 31.23
CA VAL A 281 27.19 -32.67 29.84
C VAL A 281 25.68 -32.89 29.71
N ARG A 282 25.13 -33.81 30.52
CA ARG A 282 23.69 -34.02 30.56
C ARG A 282 22.96 -32.81 31.13
N VAL A 283 23.53 -32.18 32.17
CA VAL A 283 22.90 -31.01 32.78
C VAL A 283 22.91 -29.83 31.81
N VAL A 284 24.04 -29.56 31.16
CA VAL A 284 24.06 -28.45 30.21
C VAL A 284 23.30 -28.78 28.93
N MET A 285 23.12 -30.06 28.61
CA MET A 285 22.33 -30.42 27.44
C MET A 285 20.85 -30.20 27.70
N GLY A 286 20.36 -30.60 28.87
CA GLY A 286 19.00 -30.26 29.25
C GLY A 286 18.80 -28.77 29.46
N ASP A 287 19.88 -28.07 29.87
CA ASP A 287 19.79 -26.62 30.02
C ASP A 287 19.65 -25.91 28.68
N ILE A 288 20.43 -26.31 27.67
CA ILE A 288 20.22 -25.71 26.35
C ILE A 288 18.97 -26.25 25.67
N TYR A 289 18.41 -27.36 26.17
CA TYR A 289 17.12 -27.84 25.70
C TYR A 289 15.95 -27.00 26.22
N LEU A 290 15.96 -26.62 27.50
CA LEU A 290 14.80 -25.89 28.03
C LEU A 290 15.01 -24.41 28.27
N LEU A 291 16.22 -23.96 28.59
CA LEU A 291 16.44 -22.59 28.97
C LEU A 291 16.59 -21.68 27.77
N LEU A 292 17.27 -22.17 26.73
CA LEU A 292 17.68 -21.44 25.53
C LEU A 292 16.62 -21.27 24.43
N PRO A 293 15.76 -22.25 24.08
CA PRO A 293 14.74 -21.97 23.04
C PRO A 293 13.75 -20.87 23.39
N PRO A 294 13.27 -20.69 24.64
CA PRO A 294 12.41 -19.53 24.89
C PRO A 294 13.10 -18.17 24.89
N VAL A 295 14.42 -18.09 24.69
CA VAL A 295 15.07 -16.82 24.48
C VAL A 295 15.71 -16.68 23.09
N ILE A 296 15.90 -17.77 22.35
CA ILE A 296 16.40 -17.64 20.98
C ILE A 296 15.28 -17.73 19.94
N ASN A 297 14.12 -18.30 20.28
CA ASN A 297 12.96 -18.22 19.41
C ASN A 297 12.31 -16.84 19.40
N PRO A 298 12.30 -16.05 20.50
CA PRO A 298 11.98 -14.62 20.33
C PRO A 298 12.92 -13.85 19.41
N ILE A 299 14.21 -14.20 19.39
CA ILE A 299 15.18 -13.34 18.71
C ILE A 299 15.14 -13.56 17.20
N ILE A 300 15.22 -14.81 16.75
CA ILE A 300 15.32 -15.07 15.31
C ILE A 300 13.96 -15.12 14.62
N TYR A 301 12.87 -15.22 15.37
CA TYR A 301 11.54 -15.30 14.78
C TYR A 301 10.69 -14.07 15.03
N GLY A 302 10.83 -13.43 16.18
CA GLY A 302 10.07 -12.23 16.47
C GLY A 302 10.79 -10.96 16.11
N ALA A 303 12.03 -10.81 16.60
CA ALA A 303 12.78 -9.58 16.37
C ALA A 303 13.30 -9.48 14.94
N LYS A 304 13.45 -10.61 14.23
CA LYS A 304 13.95 -10.55 12.87
C LYS A 304 12.88 -10.08 11.88
N THR A 305 11.61 -10.33 12.18
CA THR A 305 10.53 -9.92 11.28
C THR A 305 10.37 -8.40 11.31
N LYS A 306 10.09 -7.82 10.13
CA LYS A 306 9.94 -6.38 10.04
C LYS A 306 8.67 -5.90 10.74
N GLN A 307 7.59 -6.66 10.65
CA GLN A 307 6.30 -6.22 11.18
C GLN A 307 6.31 -6.18 12.71
N ILE A 308 6.81 -7.26 13.34
CA ILE A 308 6.86 -7.31 14.80
C ILE A 308 7.87 -6.30 15.34
N ARG A 309 9.00 -6.13 14.64
CA ARG A 309 10.00 -5.14 15.07
C ARG A 309 9.46 -3.72 14.97
N THR A 310 8.74 -3.40 13.89
CA THR A 310 8.15 -2.07 13.77
C THR A 310 7.02 -1.87 14.75
N ARG A 311 6.29 -2.94 15.10
CA ARG A 311 5.22 -2.80 16.10
C ARG A 311 5.80 -2.61 17.50
N VAL A 312 6.92 -3.25 17.83
CA VAL A 312 7.47 -3.07 19.17
C VAL A 312 8.26 -1.76 19.23
N LEU A 313 8.79 -1.28 18.11
CA LEU A 313 9.44 0.03 18.11
C LEU A 313 8.43 1.16 18.09
N ALA A 314 7.23 0.92 17.55
CA ALA A 314 6.18 1.93 17.59
C ALA A 314 5.63 2.11 19.00
N MET A 315 5.52 1.01 19.75
CA MET A 315 5.02 1.06 21.11
C MET A 315 6.15 1.30 22.11
N GLN B 1 -1.35 30.57 -11.08
CA GLN B 1 -1.65 29.65 -12.17
C GLN B 1 -0.36 29.13 -12.80
N VAL B 2 -0.33 27.83 -13.07
CA VAL B 2 0.84 27.18 -13.67
C VAL B 2 0.92 27.64 -15.13
N GLN B 3 1.89 28.50 -15.43
CA GLN B 3 2.02 29.09 -16.75
C GLN B 3 3.45 28.87 -17.26
N LEU B 4 3.55 28.50 -18.54
CA LEU B 4 4.82 28.19 -19.19
C LEU B 4 4.84 28.90 -20.54
N GLN B 5 5.65 29.95 -20.66
CA GLN B 5 5.73 30.72 -21.90
C GLN B 5 7.04 30.38 -22.61
N GLU B 6 6.94 29.78 -23.79
CA GLU B 6 8.10 29.44 -24.59
C GLU B 6 8.38 30.53 -25.62
N SER B 7 9.67 30.73 -25.91
CA SER B 7 10.07 31.72 -26.89
C SER B 7 11.39 31.29 -27.52
N GLY B 8 11.67 31.84 -28.69
CA GLY B 8 12.88 31.54 -29.43
C GLY B 8 12.67 30.75 -30.71
N GLY B 9 11.47 30.21 -30.93
CA GLY B 9 11.22 29.44 -32.12
C GLY B 9 11.00 30.30 -33.35
N GLY B 10 11.36 29.76 -34.50
CA GLY B 10 11.18 30.48 -35.74
C GLY B 10 11.86 29.76 -36.89
N LEU B 11 11.95 30.47 -38.01
CA LEU B 11 12.62 29.93 -39.19
C LEU B 11 14.13 29.87 -38.97
N VAL B 12 14.74 28.76 -39.38
CA VAL B 12 16.17 28.55 -39.20
C VAL B 12 16.64 27.61 -40.29
N GLN B 13 17.86 27.87 -40.80
CA GLN B 13 18.44 27.01 -41.81
C GLN B 13 18.84 25.67 -41.19
N PRO B 14 18.87 24.60 -41.99
CA PRO B 14 19.37 23.32 -41.48
C PRO B 14 20.85 23.39 -41.12
N GLY B 15 21.22 22.69 -40.05
CA GLY B 15 22.56 22.74 -39.53
C GLY B 15 22.85 23.91 -38.62
N GLY B 16 21.87 24.76 -38.33
CA GLY B 16 22.06 25.92 -37.52
C GLY B 16 21.84 25.64 -36.04
N SER B 17 21.75 26.72 -35.27
CA SER B 17 21.56 26.65 -33.83
C SER B 17 20.35 27.48 -33.44
N LEU B 18 19.63 27.03 -32.41
CA LEU B 18 18.43 27.73 -31.95
C LEU B 18 18.29 27.56 -30.45
N ARG B 19 17.95 28.65 -29.77
CA ARG B 19 17.79 28.64 -28.32
C ARG B 19 16.32 28.85 -28.00
N LEU B 20 15.73 27.91 -27.27
CA LEU B 20 14.38 28.05 -26.74
C LEU B 20 14.47 28.36 -25.26
N SER B 21 13.83 29.45 -24.84
CA SER B 21 13.76 29.83 -23.44
C SER B 21 12.30 29.79 -23.03
N CYS B 22 12.01 29.03 -21.96
CA CYS B 22 10.67 28.97 -21.38
C CYS B 22 10.70 29.60 -20.01
N ALA B 23 9.87 30.61 -19.82
CA ALA B 23 9.67 31.25 -18.53
C ALA B 23 8.53 30.55 -17.80
N ALA B 24 8.76 30.21 -16.55
CA ALA B 24 7.81 29.47 -15.73
C ALA B 24 7.29 30.36 -14.61
N SER B 25 5.97 30.39 -14.44
CA SER B 25 5.37 31.14 -13.35
C SER B 25 4.26 30.31 -12.72
N GLY B 26 4.00 30.59 -11.45
CA GLY B 26 2.96 29.89 -10.72
C GLY B 26 3.41 28.66 -9.97
N PHE B 27 4.67 28.25 -10.10
CA PHE B 27 5.17 27.10 -9.35
C PHE B 27 6.66 27.29 -9.11
N THR B 28 7.16 26.56 -8.12
CA THR B 28 8.58 26.57 -7.81
C THR B 28 9.32 25.68 -8.80
N PHE B 29 10.33 26.25 -9.47
CA PHE B 29 11.06 25.52 -10.50
C PHE B 29 11.91 24.40 -9.92
N SER B 30 12.43 24.59 -8.71
CA SER B 30 13.44 23.70 -8.15
C SER B 30 12.89 22.35 -7.73
N ASN B 31 11.58 22.16 -7.72
CA ASN B 31 10.98 20.91 -7.26
C ASN B 31 10.41 20.06 -8.38
N TYR B 32 10.48 20.52 -9.63
CA TYR B 32 9.82 19.85 -10.74
C TYR B 32 10.83 19.45 -11.81
N LYS B 33 10.71 18.21 -12.27
CA LYS B 33 11.57 17.66 -13.33
C LYS B 33 11.05 18.14 -14.67
N MET B 34 11.77 19.07 -15.30
CA MET B 34 11.22 19.80 -16.42
C MET B 34 11.57 19.13 -17.74
N ASN B 35 10.58 18.96 -18.60
CA ASN B 35 10.71 18.25 -19.86
C ASN B 35 10.56 19.21 -21.03
N TRP B 36 11.17 18.85 -22.15
CA TRP B 36 10.92 19.43 -23.45
C TRP B 36 10.36 18.33 -24.33
N VAL B 37 9.17 18.57 -24.91
CA VAL B 37 8.56 17.65 -25.84
C VAL B 37 8.31 18.40 -27.15
N ARG B 38 7.98 17.66 -28.20
CA ARG B 38 7.70 18.27 -29.48
C ARG B 38 6.60 17.50 -30.20
N GLN B 39 5.97 18.17 -31.16
CA GLN B 39 4.93 17.57 -31.98
C GLN B 39 5.22 17.93 -33.43
N ALA B 40 5.55 16.94 -34.24
CA ALA B 40 5.72 17.15 -35.66
C ALA B 40 4.37 17.37 -36.33
N PRO B 41 4.32 18.10 -37.45
CA PRO B 41 3.07 18.22 -38.20
C PRO B 41 2.62 16.87 -38.76
N GLY B 42 1.36 16.56 -38.55
CA GLY B 42 0.83 15.25 -38.89
C GLY B 42 1.40 14.12 -38.05
N LYS B 43 1.64 14.37 -36.76
CA LYS B 43 2.24 13.38 -35.88
C LYS B 43 1.83 13.69 -34.44
N GLY B 44 2.01 12.71 -33.57
CA GLY B 44 1.71 12.87 -32.17
C GLY B 44 2.82 13.56 -31.41
N LEU B 45 2.62 13.68 -30.10
CA LEU B 45 3.61 14.32 -29.24
C LEU B 45 4.81 13.40 -29.06
N GLU B 46 6.00 13.95 -29.26
CA GLU B 46 7.25 13.21 -29.16
C GLU B 46 8.11 13.86 -28.09
N TRP B 47 8.54 13.06 -27.11
CA TRP B 47 9.35 13.55 -26.01
C TRP B 47 10.78 13.76 -26.48
N VAL B 48 11.35 14.94 -26.17
CA VAL B 48 12.69 15.26 -26.63
C VAL B 48 13.69 15.05 -25.51
N SER B 49 13.50 15.74 -24.39
CA SER B 49 14.51 15.69 -23.33
C SER B 49 13.88 16.00 -21.98
N ASP B 50 14.62 15.73 -20.92
CA ASP B 50 14.20 16.11 -19.58
C ASP B 50 15.42 16.39 -18.71
N ILE B 51 15.21 17.26 -17.72
CA ILE B 51 16.24 17.63 -16.76
C ILE B 51 15.60 17.53 -15.37
N SER B 52 16.37 17.04 -14.40
CA SER B 52 15.86 16.78 -13.06
C SER B 52 15.74 18.07 -12.26
N GLN B 53 15.51 17.93 -10.96
CA GLN B 53 15.30 19.08 -10.09
C GLN B 53 16.58 19.88 -9.91
N SER B 54 17.69 19.21 -9.64
CA SER B 54 18.97 19.88 -9.44
C SER B 54 19.76 20.04 -10.73
N GLY B 55 19.31 19.46 -11.83
CA GLY B 55 20.04 19.48 -13.08
C GLY B 55 21.07 18.38 -13.23
N ALA B 56 21.18 17.47 -12.25
CA ALA B 56 22.17 16.40 -12.34
C ALA B 56 21.75 15.33 -13.33
N SER B 57 20.49 14.94 -13.34
CA SER B 57 19.98 13.89 -14.22
C SER B 57 19.39 14.54 -15.46
N ILE B 58 20.10 14.45 -16.57
CA ILE B 58 19.70 15.01 -17.85
C ILE B 58 19.63 13.88 -18.87
N SER B 59 18.49 13.72 -19.51
CA SER B 59 18.38 12.67 -20.52
C SER B 59 17.69 13.23 -21.76
N TYR B 60 17.95 12.58 -22.89
CA TYR B 60 17.46 13.01 -24.20
C TYR B 60 16.81 11.84 -24.91
N THR B 61 16.05 12.15 -25.95
CA THR B 61 15.66 11.11 -26.89
C THR B 61 16.82 10.81 -27.83
N GLY B 62 16.74 9.65 -28.49
CA GLY B 62 17.88 9.17 -29.25
C GLY B 62 18.18 9.96 -30.51
N SER B 63 17.18 10.65 -31.05
CA SER B 63 17.39 11.41 -32.28
C SER B 63 18.05 12.76 -32.03
N VAL B 64 18.17 13.19 -30.77
CA VAL B 64 18.73 14.51 -30.45
C VAL B 64 20.01 14.41 -29.62
N LYS B 65 20.47 13.21 -29.29
CA LYS B 65 21.67 13.06 -28.47
C LYS B 65 22.91 13.49 -29.24
N GLY B 66 23.71 14.36 -28.62
CA GLY B 66 24.86 14.94 -29.27
C GLY B 66 24.55 16.19 -30.06
N ARG B 67 23.29 16.55 -30.23
CA ARG B 67 22.87 17.73 -30.97
C ARG B 67 22.11 18.72 -30.12
N PHE B 68 21.27 18.25 -29.19
CA PHE B 68 20.45 19.11 -28.35
C PHE B 68 21.00 19.05 -26.93
N THR B 69 20.89 20.16 -26.22
CA THR B 69 21.16 20.17 -24.78
C THR B 69 20.05 20.93 -24.07
N ILE B 70 19.77 20.50 -22.83
CA ILE B 70 18.72 21.09 -22.03
C ILE B 70 19.31 21.52 -20.69
N SER B 71 18.99 22.74 -20.28
CA SER B 71 19.50 23.30 -19.05
C SER B 71 18.38 24.02 -18.33
N ARG B 72 18.57 24.22 -17.03
CA ARG B 72 17.61 24.95 -16.22
C ARG B 72 18.36 25.99 -15.39
N ASP B 73 17.66 27.05 -15.01
CA ASP B 73 18.21 28.01 -14.07
C ASP B 73 17.11 28.34 -13.06
N ASN B 74 17.31 27.90 -11.83
CA ASN B 74 16.36 28.15 -10.75
C ASN B 74 16.44 29.57 -10.22
N ALA B 75 17.53 30.28 -10.49
CA ALA B 75 17.69 31.64 -9.99
C ALA B 75 16.74 32.59 -10.70
N LYS B 76 16.70 32.55 -12.03
CA LYS B 76 15.75 33.37 -12.78
C LYS B 76 14.57 32.57 -13.29
N ASN B 77 14.43 31.32 -12.85
CA ASN B 77 13.21 30.49 -12.98
C ASN B 77 12.85 30.26 -14.45
N THR B 78 13.75 29.58 -15.15
CA THR B 78 13.54 29.37 -16.59
C THR B 78 14.24 28.10 -17.06
N LEU B 79 13.85 27.66 -18.25
CA LEU B 79 14.36 26.46 -18.90
C LEU B 79 14.90 26.82 -20.28
N TYR B 80 16.03 26.23 -20.66
CA TYR B 80 16.63 26.43 -21.96
C TYR B 80 16.79 25.11 -22.70
N LEU B 81 16.54 25.15 -24.00
CA LEU B 81 16.88 24.06 -24.91
C LEU B 81 17.71 24.65 -26.04
N GLN B 82 18.97 24.24 -26.14
CA GLN B 82 19.85 24.69 -27.21
C GLN B 82 19.99 23.61 -28.26
N MET B 83 19.79 23.99 -29.51
CA MET B 83 19.78 23.07 -30.65
C MET B 83 20.97 23.40 -31.54
N ASN B 84 21.84 22.42 -31.74
CA ASN B 84 22.97 22.52 -32.65
C ASN B 84 22.85 21.47 -33.74
N SER B 85 23.20 21.86 -34.97
CA SER B 85 23.18 21.01 -36.17
C SER B 85 21.78 20.43 -36.42
N LEU B 86 20.87 21.34 -36.73
CA LEU B 86 19.46 20.99 -36.92
C LEU B 86 19.27 20.20 -38.20
N LYS B 87 18.84 18.94 -38.04
CA LYS B 87 18.38 18.14 -39.16
C LYS B 87 17.05 18.69 -39.67
N PRO B 88 16.73 18.50 -40.95
CA PRO B 88 15.41 18.95 -41.44
C PRO B 88 14.24 18.09 -40.97
N GLU B 89 14.49 16.97 -40.29
CA GLU B 89 13.44 16.19 -39.67
C GLU B 89 13.09 16.69 -38.27
N ASP B 90 13.78 17.71 -37.77
CA ASP B 90 13.51 18.29 -36.46
C ASP B 90 12.46 19.39 -36.48
N THR B 91 11.84 19.65 -37.64
CA THR B 91 10.78 20.64 -37.71
C THR B 91 9.54 20.13 -36.98
N ALA B 92 9.01 20.96 -36.08
CA ALA B 92 7.94 20.59 -35.15
C ALA B 92 7.45 21.87 -34.48
N VAL B 93 6.51 21.69 -33.56
CA VAL B 93 6.19 22.70 -32.56
C VAL B 93 6.62 22.16 -31.20
N TYR B 94 7.39 22.95 -30.47
CA TYR B 94 8.06 22.49 -29.26
C TYR B 94 7.31 23.01 -28.04
N TYR B 95 6.92 22.10 -27.17
CA TYR B 95 6.24 22.42 -25.92
C TYR B 95 7.18 22.14 -24.76
N CYS B 96 7.09 22.96 -23.73
CA CYS B 96 7.84 22.75 -22.50
C CYS B 96 6.91 22.07 -21.52
N ALA B 97 7.13 20.78 -21.28
CA ALA B 97 6.28 20.03 -20.37
C ALA B 97 6.76 20.24 -18.94
N ARG B 98 6.12 19.55 -18.00
CA ARG B 98 6.46 19.66 -16.59
C ARG B 98 6.10 18.36 -15.91
N CYS B 99 6.88 18.00 -14.90
CA CYS B 99 6.55 16.86 -14.07
C CYS B 99 5.28 17.18 -13.29
N PRO B 100 4.29 16.28 -13.28
CA PRO B 100 3.01 16.62 -12.65
C PRO B 100 3.06 16.72 -11.14
N ALA B 101 3.98 16.02 -10.48
CA ALA B 101 4.08 16.04 -9.04
C ALA B 101 5.52 16.35 -8.63
N PRO B 102 5.73 17.15 -7.59
CA PRO B 102 7.10 17.51 -7.19
C PRO B 102 7.80 16.37 -6.48
N PHE B 103 9.14 16.46 -6.50
CA PHE B 103 10.07 15.53 -5.83
C PHE B 103 9.93 14.10 -6.32
N THR B 104 9.46 13.91 -7.54
CA THR B 104 9.29 12.58 -8.13
C THR B 104 10.10 12.50 -9.41
N ARG B 105 10.76 11.38 -9.62
CA ARG B 105 11.58 11.16 -10.80
C ARG B 105 10.82 10.46 -11.91
N ASP B 106 9.50 10.34 -11.79
CA ASP B 106 8.65 9.81 -12.84
C ASP B 106 7.85 10.94 -13.47
N CYS B 107 7.74 10.90 -14.80
CA CYS B 107 7.04 11.92 -15.55
C CYS B 107 5.93 11.26 -16.36
N PHE B 108 4.77 11.07 -15.73
CA PHE B 108 3.59 10.64 -16.45
C PHE B 108 3.02 11.78 -17.28
N ASP B 109 2.46 11.42 -18.43
CA ASP B 109 1.50 12.21 -19.20
C ASP B 109 2.08 13.50 -19.77
N VAL B 110 3.42 13.61 -19.86
CA VAL B 110 4.01 14.82 -20.40
C VAL B 110 3.83 14.93 -21.90
N THR B 111 3.57 13.81 -22.58
CA THR B 111 3.31 13.81 -24.02
C THR B 111 1.84 13.56 -24.32
N SER B 112 0.95 13.85 -23.37
CA SER B 112 -0.47 13.70 -23.62
C SER B 112 -0.98 14.81 -24.53
N THR B 113 -2.09 14.52 -25.22
CA THR B 113 -2.65 15.48 -26.16
C THR B 113 -3.32 16.66 -25.47
N THR B 114 -3.64 16.53 -24.19
CA THR B 114 -4.34 17.57 -23.43
C THR B 114 -3.73 17.74 -22.06
N TYR B 115 -2.41 17.63 -21.97
CA TYR B 115 -1.68 17.83 -20.72
C TYR B 115 -1.77 19.27 -20.27
N ALA B 116 -1.94 19.46 -18.96
CA ALA B 116 -2.23 20.76 -18.38
C ALA B 116 -0.96 21.58 -18.16
N TYR B 117 0.08 20.97 -17.60
CA TYR B 117 1.30 21.68 -17.23
C TYR B 117 2.25 21.70 -18.43
N ARG B 118 1.84 22.44 -19.44
CA ARG B 118 2.59 22.51 -20.69
C ARG B 118 2.27 23.82 -21.38
N GLY B 119 3.26 24.37 -22.06
CA GLY B 119 3.09 25.63 -22.77
C GLY B 119 2.36 25.45 -24.08
N GLN B 120 2.18 26.59 -24.77
CA GLN B 120 1.57 26.58 -26.09
C GLN B 120 2.56 26.22 -27.19
N GLY B 121 3.85 26.19 -26.89
CA GLY B 121 4.85 25.75 -27.85
C GLY B 121 5.32 26.86 -28.76
N THR B 122 6.46 26.60 -29.41
CA THR B 122 7.03 27.49 -30.40
C THR B 122 7.29 26.69 -31.67
N GLN B 123 6.97 27.28 -32.82
CA GLN B 123 7.10 26.59 -34.10
C GLN B 123 8.55 26.67 -34.55
N VAL B 124 9.24 25.54 -34.54
CA VAL B 124 10.62 25.45 -35.03
C VAL B 124 10.57 24.77 -36.39
N THR B 125 10.92 25.51 -37.44
CA THR B 125 10.81 25.04 -38.80
C THR B 125 12.14 25.21 -39.52
N VAL B 126 12.39 24.33 -40.48
CA VAL B 126 13.61 24.37 -41.26
C VAL B 126 13.34 24.94 -42.65
N ASN C 22 -31.94 -4.90 21.92
CA ASN C 22 -33.09 -5.10 21.05
C ASN C 22 -32.66 -5.50 19.65
N GLU C 23 -32.18 -4.52 18.88
CA GLU C 23 -31.71 -4.74 17.53
C GLU C 23 -30.22 -5.05 17.45
N GLU C 24 -29.54 -5.13 18.60
CA GLU C 24 -28.11 -5.42 18.60
C GLU C 24 -27.83 -6.88 18.24
N LYS C 25 -28.70 -7.80 18.66
CA LYS C 25 -28.47 -9.22 18.39
C LYS C 25 -28.61 -9.55 16.91
N ALA C 26 -29.65 -9.03 16.25
CA ALA C 26 -29.83 -9.25 14.83
C ALA C 26 -28.73 -8.57 14.01
N GLN C 27 -28.25 -7.41 14.48
CA GLN C 27 -27.10 -6.76 13.86
C GLN C 27 -25.85 -7.62 14.02
N ARG C 28 -25.71 -8.30 15.16
CA ARG C 28 -24.56 -9.17 15.37
C ARG C 28 -24.60 -10.40 14.46
N GLU C 29 -25.78 -11.00 14.27
CA GLU C 29 -25.87 -12.14 13.35
C GLU C 29 -25.68 -11.71 11.90
N ALA C 30 -26.19 -10.53 11.52
CA ALA C 30 -25.95 -10.01 10.18
C ALA C 30 -24.47 -9.71 9.95
N ASN C 31 -23.80 -9.18 10.98
CA ASN C 31 -22.35 -8.96 10.89
C ASN C 31 -21.60 -10.28 10.80
N LYS C 32 -22.05 -11.32 11.53
CA LYS C 32 -21.39 -12.62 11.47
C LYS C 32 -21.52 -13.24 10.08
N LYS C 33 -22.71 -13.14 9.48
CA LYS C 33 -22.91 -13.63 8.12
C LYS C 33 -22.07 -12.83 7.12
N ILE C 34 -21.95 -11.52 7.34
CA ILE C 34 -21.16 -10.69 6.45
C ILE C 34 -19.67 -11.02 6.55
N GLU C 35 -19.13 -11.25 7.75
CA GLU C 35 -17.74 -11.67 7.85
C GLU C 35 -17.51 -13.10 7.35
N LYS C 36 -18.53 -13.96 7.38
CA LYS C 36 -18.40 -15.27 6.75
C LYS C 36 -18.25 -15.13 5.23
N GLN C 37 -19.11 -14.30 4.62
CA GLN C 37 -19.01 -14.05 3.19
C GLN C 37 -17.71 -13.33 2.84
N LEU C 38 -17.25 -12.44 3.72
CA LEU C 38 -15.99 -11.74 3.51
C LEU C 38 -14.79 -12.68 3.66
N GLN C 39 -14.89 -13.70 4.52
CA GLN C 39 -13.82 -14.69 4.61
C GLN C 39 -13.76 -15.56 3.35
N LYS C 40 -14.93 -15.94 2.82
CA LYS C 40 -14.96 -16.68 1.56
C LYS C 40 -14.38 -15.85 0.41
N ASP C 41 -14.76 -14.57 0.36
CA ASP C 41 -14.21 -13.66 -0.63
C ASP C 41 -12.73 -13.39 -0.40
N LYS C 42 -12.25 -13.50 0.85
CA LYS C 42 -10.84 -13.34 1.14
C LYS C 42 -10.03 -14.50 0.57
N GLN C 43 -10.52 -15.74 0.73
CA GLN C 43 -9.85 -16.88 0.11
C GLN C 43 -9.89 -16.80 -1.42
N VAL C 44 -11.02 -16.35 -1.97
CA VAL C 44 -11.12 -16.19 -3.43
C VAL C 44 -10.17 -15.10 -3.93
N TYR C 45 -10.06 -13.99 -3.19
CA TYR C 45 -9.23 -12.86 -3.59
C TYR C 45 -7.75 -13.18 -3.47
N ARG C 46 -7.35 -13.86 -2.40
CA ARG C 46 -5.94 -14.25 -2.24
C ARG C 46 -5.55 -15.43 -3.14
N ALA C 47 -6.51 -16.24 -3.57
CA ALA C 47 -6.18 -17.32 -4.49
C ALA C 47 -5.84 -16.78 -5.88
N THR C 48 -6.49 -15.71 -6.30
CA THR C 48 -6.27 -15.14 -7.63
C THR C 48 -5.16 -14.09 -7.58
N HIS C 49 -4.41 -14.00 -8.66
CA HIS C 49 -3.33 -13.04 -8.79
C HIS C 49 -3.72 -12.01 -9.84
N ARG C 50 -3.73 -10.73 -9.45
CA ARG C 50 -4.13 -9.66 -10.34
C ARG C 50 -2.94 -9.18 -11.17
N LEU C 51 -3.21 -8.90 -12.44
CA LEU C 51 -2.20 -8.44 -13.38
C LEU C 51 -2.71 -7.19 -14.08
N LEU C 52 -1.83 -6.21 -14.29
CA LEU C 52 -2.20 -5.00 -15.01
C LEU C 52 -1.52 -5.03 -16.37
N LEU C 53 -2.29 -5.11 -17.44
CA LEU C 53 -1.75 -5.11 -18.79
C LEU C 53 -1.66 -3.68 -19.30
N LEU C 54 -0.49 -3.30 -19.78
CA LEU C 54 -0.26 -1.98 -20.32
C LEU C 54 0.44 -2.07 -21.66
N GLY C 55 0.24 -1.06 -22.49
CA GLY C 55 0.88 -1.03 -23.79
C GLY C 55 0.41 0.18 -24.57
N ALA C 56 0.94 0.30 -25.78
CA ALA C 56 0.59 1.40 -26.66
C ALA C 56 -0.65 1.04 -27.47
N ASP C 57 -1.07 1.97 -28.33
CA ASP C 57 -2.23 1.72 -29.19
C ASP C 57 -1.91 0.69 -30.27
N ASN C 58 -0.70 0.77 -30.84
CA ASN C 58 -0.30 -0.20 -31.86
C ASN C 58 0.37 -1.42 -31.28
N SER C 59 0.59 -1.47 -29.96
CA SER C 59 1.24 -2.61 -29.35
C SER C 59 0.31 -3.82 -29.35
N GLY C 60 0.91 -5.00 -29.27
CA GLY C 60 0.16 -6.23 -29.39
C GLY C 60 -0.42 -6.74 -28.09
N LYS C 61 -0.87 -5.84 -27.21
CA LYS C 61 -1.47 -6.27 -25.95
C LYS C 61 -2.85 -6.86 -26.14
N SER C 62 -3.54 -6.50 -27.23
CA SER C 62 -4.85 -7.09 -27.52
C SER C 62 -4.71 -8.56 -27.88
N THR C 63 -3.70 -8.91 -28.69
CA THR C 63 -3.43 -10.31 -28.99
C THR C 63 -2.95 -11.06 -27.75
N ILE C 64 -2.25 -10.37 -26.84
CA ILE C 64 -1.83 -10.97 -25.59
C ILE C 64 -3.05 -11.31 -24.72
N VAL C 65 -3.98 -10.36 -24.58
CA VAL C 65 -5.12 -10.60 -23.69
C VAL C 65 -6.16 -11.51 -24.34
N LYS C 66 -6.19 -11.62 -25.67
CA LYS C 66 -7.06 -12.56 -26.35
C LYS C 66 -6.36 -13.88 -26.68
N GLN C 67 -5.10 -14.06 -26.29
CA GLN C 67 -4.40 -15.30 -26.61
C GLN C 67 -4.89 -16.46 -25.76
N MET C 68 -5.06 -16.25 -24.45
CA MET C 68 -5.53 -17.29 -23.56
C MET C 68 -6.99 -17.13 -23.18
N ARG C 69 -7.73 -16.24 -23.84
CA ARG C 69 -9.15 -16.07 -23.57
C ARG C 69 -9.95 -17.22 -24.16
N GLY C 83 -14.57 0.08 -21.37
CA GLY C 83 -14.34 -0.49 -20.05
C GLY C 83 -13.08 -1.33 -19.98
N ILE C 84 -12.91 -2.05 -18.88
CA ILE C 84 -11.73 -2.88 -18.68
C ILE C 84 -11.96 -4.25 -19.31
N PHE C 85 -11.03 -4.67 -20.16
CA PHE C 85 -11.04 -6.03 -20.69
C PHE C 85 -10.40 -6.94 -19.66
N GLU C 86 -11.23 -7.72 -18.96
CA GLU C 86 -10.77 -8.58 -17.88
C GLU C 86 -10.73 -10.02 -18.37
N THR C 87 -9.62 -10.70 -18.11
CA THR C 87 -9.48 -12.11 -18.49
C THR C 87 -9.06 -12.94 -17.29
N LYS C 88 -9.85 -13.97 -16.99
CA LYS C 88 -9.41 -15.07 -16.14
C LYS C 88 -8.66 -16.08 -16.99
N PHE C 89 -7.53 -16.56 -16.48
CA PHE C 89 -6.92 -17.74 -17.07
C PHE C 89 -6.22 -18.55 -15.98
N GLN C 90 -6.38 -19.86 -16.09
CA GLN C 90 -5.90 -20.80 -15.09
C GLN C 90 -4.66 -21.49 -15.64
N VAL C 91 -3.52 -21.27 -15.00
CA VAL C 91 -2.28 -21.97 -15.33
C VAL C 91 -1.84 -22.73 -14.09
N ASP C 92 -1.69 -24.05 -14.24
CA ASP C 92 -1.28 -24.99 -13.17
C ASP C 92 -2.19 -24.86 -11.95
N LYS C 93 -3.50 -24.78 -12.21
CA LYS C 93 -4.56 -24.59 -11.21
C LYS C 93 -4.37 -23.31 -10.40
N VAL C 94 -3.72 -22.30 -10.99
CA VAL C 94 -3.56 -20.98 -10.37
C VAL C 94 -4.28 -19.98 -11.25
N ASN C 95 -5.15 -19.19 -10.63
CA ASN C 95 -5.99 -18.24 -11.36
C ASN C 95 -5.28 -16.90 -11.44
N PHE C 96 -4.96 -16.48 -12.67
CA PHE C 96 -4.44 -15.15 -12.94
C PHE C 96 -5.53 -14.34 -13.62
N HIS C 97 -5.80 -13.16 -13.10
CA HIS C 97 -6.86 -12.31 -13.63
C HIS C 97 -6.22 -11.01 -14.09
N MET C 98 -6.36 -10.70 -15.36
CA MET C 98 -5.59 -9.63 -16.00
C MET C 98 -6.52 -8.55 -16.52
N PHE C 99 -6.15 -7.29 -16.28
CA PHE C 99 -6.95 -6.12 -16.60
C PHE C 99 -6.27 -5.34 -17.73
N ASP C 100 -6.99 -5.18 -18.84
CA ASP C 100 -6.54 -4.33 -19.95
C ASP C 100 -7.42 -3.09 -19.94
N VAL C 101 -6.86 -1.97 -19.49
CA VAL C 101 -7.61 -0.74 -19.30
C VAL C 101 -7.46 0.08 -20.59
N GLY C 102 -8.48 0.03 -21.43
CA GLY C 102 -8.46 0.78 -22.68
C GLY C 102 -9.55 1.82 -22.75
N GLY C 103 -10.38 1.88 -21.71
CA GLY C 103 -11.49 2.81 -21.66
C GLY C 103 -11.14 4.19 -21.18
N GLN C 104 -9.90 4.44 -20.80
CA GLN C 104 -9.47 5.73 -20.28
C GLN C 104 -8.84 6.57 -21.39
N ARG C 105 -8.41 7.77 -21.02
CA ARG C 105 -7.74 8.66 -21.96
C ARG C 105 -6.23 8.46 -21.89
N ASP C 106 -5.48 9.35 -22.53
CA ASP C 106 -4.04 9.24 -22.57
C ASP C 106 -3.36 9.64 -21.26
N GLU C 107 -4.06 10.32 -20.36
CA GLU C 107 -3.51 10.70 -19.07
C GLU C 107 -3.73 9.58 -18.07
N ARG C 108 -2.66 9.15 -17.41
CA ARG C 108 -2.70 7.93 -16.62
C ARG C 108 -1.98 8.03 -15.29
N ARG C 109 -1.71 9.24 -14.80
CA ARG C 109 -0.99 9.40 -13.54
C ARG C 109 -1.83 9.09 -12.31
N LYS C 110 -3.15 8.98 -12.46
CA LYS C 110 -4.04 8.83 -11.33
C LYS C 110 -4.66 7.44 -11.22
N TRP C 111 -5.15 6.86 -12.31
CA TRP C 111 -5.73 5.53 -12.20
C TRP C 111 -4.68 4.43 -12.14
N ILE C 112 -3.42 4.72 -12.47
CA ILE C 112 -2.37 3.72 -12.35
C ILE C 112 -2.11 3.39 -10.88
N GLN C 113 -2.41 4.34 -9.98
CA GLN C 113 -2.37 4.09 -8.55
C GLN C 113 -3.44 3.12 -8.08
N CYS C 114 -4.43 2.81 -8.92
CA CYS C 114 -5.36 1.73 -8.60
C CYS C 114 -4.65 0.39 -8.58
N PHE C 115 -3.60 0.23 -9.39
CA PHE C 115 -3.05 -1.09 -9.65
C PHE C 115 -1.79 -1.36 -8.87
N ASN C 116 -1.78 -1.02 -7.58
CA ASN C 116 -0.61 -1.26 -6.74
C ASN C 116 -0.68 -2.60 -6.02
N ASP C 117 -1.88 -3.12 -5.79
CA ASP C 117 -2.05 -4.41 -5.15
C ASP C 117 -1.96 -5.57 -6.12
N VAL C 118 -1.73 -5.30 -7.41
CA VAL C 118 -1.56 -6.38 -8.37
C VAL C 118 -0.19 -7.03 -8.16
N THR C 119 -0.07 -8.28 -8.62
CA THR C 119 1.19 -8.96 -8.49
C THR C 119 2.23 -8.45 -9.50
N ALA C 120 1.79 -8.09 -10.70
CA ALA C 120 2.72 -7.65 -11.72
C ALA C 120 2.04 -6.73 -12.72
N ILE C 121 2.86 -5.92 -13.37
CA ILE C 121 2.43 -5.13 -14.53
C ILE C 121 2.99 -5.81 -15.76
N ILE C 122 2.10 -6.43 -16.53
CA ILE C 122 2.45 -6.86 -17.88
C ILE C 122 2.65 -5.61 -18.72
N PHE C 123 3.79 -5.53 -19.40
CA PHE C 123 4.13 -4.37 -20.20
C PHE C 123 4.45 -4.81 -21.63
N VAL C 124 3.52 -4.54 -22.54
CA VAL C 124 3.66 -4.90 -23.95
C VAL C 124 4.35 -3.77 -24.69
N VAL C 125 5.45 -4.10 -25.36
CA VAL C 125 6.23 -3.14 -26.13
C VAL C 125 6.32 -3.62 -27.57
N ASP C 126 6.04 -2.73 -28.52
CA ASP C 126 6.38 -2.96 -29.92
C ASP C 126 7.89 -2.86 -30.06
N SER C 127 8.56 -4.01 -30.12
CA SER C 127 10.00 -4.00 -30.33
C SER C 127 10.35 -3.66 -31.78
N SER C 128 9.40 -3.76 -32.70
CA SER C 128 9.63 -3.44 -34.10
C SER C 128 9.37 -1.98 -34.44
N ASP C 129 8.66 -1.24 -33.60
CA ASP C 129 8.32 0.15 -33.85
C ASP C 129 9.32 1.03 -33.10
N TYR C 130 10.34 1.50 -33.81
CA TYR C 130 11.39 2.29 -33.18
C TYR C 130 10.95 3.72 -32.91
N ASN C 131 9.92 4.21 -33.61
CA ASN C 131 9.45 5.58 -33.42
C ASN C 131 8.84 5.76 -32.03
N ARG C 132 8.04 4.79 -31.60
CA ARG C 132 7.40 4.82 -30.30
C ARG C 132 8.09 3.91 -29.30
N LEU C 133 9.31 3.46 -29.61
CA LEU C 133 10.09 2.69 -28.65
C LEU C 133 10.55 3.56 -27.49
N GLN C 134 10.91 4.81 -27.79
CA GLN C 134 11.29 5.76 -26.73
C GLN C 134 10.08 6.13 -25.87
N GLU C 135 8.90 6.18 -26.46
CA GLU C 135 7.68 6.40 -25.68
C GLU C 135 7.43 5.25 -24.72
N ALA C 136 7.68 4.02 -25.17
CA ALA C 136 7.54 2.85 -24.30
C ALA C 136 8.60 2.85 -23.21
N LEU C 137 9.81 3.30 -23.53
CA LEU C 137 10.87 3.42 -22.51
C LEU C 137 10.51 4.47 -21.47
N ASN C 138 9.95 5.60 -21.90
CA ASN C 138 9.53 6.64 -20.95
C ASN C 138 8.36 6.18 -20.09
N LEU C 139 7.42 5.44 -20.68
CA LEU C 139 6.31 4.88 -19.91
C LEU C 139 6.80 3.86 -18.90
N PHE C 140 7.74 3.00 -19.29
CA PHE C 140 8.31 2.05 -18.35
C PHE C 140 9.11 2.73 -17.25
N LYS C 141 9.81 3.81 -17.58
CA LYS C 141 10.54 4.59 -16.58
C LYS C 141 9.59 5.24 -15.58
N SER C 142 8.48 5.79 -16.08
CA SER C 142 7.49 6.41 -15.19
C SER C 142 6.78 5.38 -14.34
N ILE C 143 6.54 4.18 -14.87
CA ILE C 143 5.96 3.09 -14.09
C ILE C 143 6.94 2.63 -13.02
N TRP C 144 8.21 2.47 -13.40
CA TRP C 144 9.24 1.98 -12.48
C TRP C 144 9.51 2.95 -11.35
N ASN C 145 9.53 4.25 -11.65
CA ASN C 145 9.89 5.26 -10.67
C ASN C 145 8.68 5.86 -9.96
N ASN C 146 7.46 5.40 -10.26
CA ASN C 146 6.29 5.88 -9.55
C ASN C 146 6.30 5.36 -8.12
N ARG C 147 5.92 6.24 -7.19
CA ARG C 147 6.13 5.95 -5.77
C ARG C 147 5.18 4.85 -5.29
N TRP C 148 4.01 4.75 -5.91
CA TRP C 148 3.05 3.71 -5.56
C TRP C 148 3.25 2.44 -6.35
N LEU C 149 4.14 2.46 -7.35
CA LEU C 149 4.48 1.27 -8.12
C LEU C 149 5.91 0.82 -7.87
N ARG C 150 6.51 1.23 -6.75
CA ARG C 150 7.88 0.83 -6.41
C ARG C 150 7.98 -0.62 -5.98
N THR C 151 6.89 -1.24 -5.54
CA THR C 151 6.90 -2.61 -5.08
C THR C 151 6.62 -3.59 -6.23
N ILE C 152 5.96 -3.12 -7.27
CA ILE C 152 5.41 -4.00 -8.31
C ILE C 152 6.51 -4.37 -9.28
N SER C 153 6.62 -5.67 -9.56
CA SER C 153 7.49 -6.10 -10.64
C SER C 153 6.76 -6.00 -11.98
N VAL C 154 7.55 -5.85 -13.04
CA VAL C 154 7.04 -5.67 -14.39
C VAL C 154 7.45 -6.87 -15.23
N ILE C 155 6.46 -7.56 -15.78
CA ILE C 155 6.71 -8.64 -16.73
C ILE C 155 6.70 -8.01 -18.11
N LEU C 156 7.87 -7.92 -18.73
CA LEU C 156 8.02 -7.19 -19.98
C LEU C 156 7.87 -8.15 -21.15
N PHE C 157 6.88 -7.89 -22.00
CA PHE C 157 6.66 -8.67 -23.22
C PHE C 157 7.01 -7.78 -24.40
N LEU C 158 8.09 -8.12 -25.11
CA LEU C 158 8.53 -7.39 -26.28
C LEU C 158 7.93 -8.10 -27.50
N ASN C 159 6.70 -7.72 -27.84
CA ASN C 159 6.02 -8.34 -28.98
C ASN C 159 6.56 -7.80 -30.30
N LYS C 160 5.97 -8.36 -31.38
CA LYS C 160 6.37 -8.12 -32.77
C LYS C 160 7.84 -8.43 -33.00
N GLN C 161 8.29 -9.58 -32.48
CA GLN C 161 9.65 -10.02 -32.73
C GLN C 161 9.84 -10.46 -34.18
N ASP C 162 8.80 -10.99 -34.81
CA ASP C 162 8.88 -11.33 -36.23
C ASP C 162 8.96 -10.09 -37.12
N LEU C 163 8.18 -9.05 -36.79
CA LEU C 163 8.32 -7.79 -37.54
C LEU C 163 9.64 -7.10 -37.22
N LEU C 164 10.15 -7.29 -36.01
CA LEU C 164 11.49 -6.79 -35.68
C LEU C 164 12.56 -7.50 -36.50
N ALA C 165 12.41 -8.81 -36.70
CA ALA C 165 13.36 -9.56 -37.52
C ALA C 165 13.29 -9.13 -38.98
N GLU C 166 12.06 -8.98 -39.52
CA GLU C 166 11.93 -8.56 -40.91
C GLU C 166 12.27 -7.09 -41.12
N LYS C 167 12.30 -6.28 -40.05
CA LYS C 167 12.80 -4.92 -40.16
C LYS C 167 14.33 -4.87 -40.08
N VAL C 168 14.93 -5.74 -39.26
CA VAL C 168 16.38 -5.76 -39.14
C VAL C 168 17.02 -6.31 -40.42
N LEU C 169 16.50 -7.41 -40.96
CA LEU C 169 17.07 -7.96 -42.18
C LEU C 169 16.78 -7.10 -43.41
N ALA C 170 15.71 -6.31 -43.36
CA ALA C 170 15.41 -5.39 -44.47
C ALA C 170 15.51 -3.94 -44.01
N SER C 173 14.82 0.95 -42.33
CA SER C 173 14.66 1.40 -40.96
C SER C 173 15.80 0.91 -40.09
N LYS C 174 16.66 1.83 -39.66
CA LYS C 174 17.82 1.52 -38.83
C LYS C 174 17.57 1.99 -37.41
N ILE C 175 17.86 1.14 -36.44
CA ILE C 175 17.69 1.50 -35.04
C ILE C 175 18.82 2.41 -34.57
N GLU C 176 19.92 2.51 -35.33
CA GLU C 176 21.01 3.40 -34.97
C GLU C 176 20.61 4.87 -35.10
N ASP C 177 19.66 5.18 -35.98
CA ASP C 177 19.18 6.56 -36.12
C ASP C 177 18.39 6.99 -34.89
N TYR C 178 17.56 6.11 -34.36
CA TYR C 178 16.75 6.40 -33.18
C TYR C 178 17.47 6.07 -31.88
N PHE C 179 18.62 5.40 -31.94
CA PHE C 179 19.36 5.01 -30.74
C PHE C 179 20.84 4.98 -31.11
N PRO C 180 21.59 6.04 -30.78
CA PRO C 180 23.02 6.06 -31.12
C PRO C 180 23.86 5.06 -30.34
N GLU C 181 23.39 4.61 -29.17
CA GLU C 181 24.12 3.64 -28.36
C GLU C 181 24.24 2.28 -29.03
N PHE C 182 23.34 1.98 -29.97
CA PHE C 182 23.46 0.78 -30.79
C PHE C 182 24.70 0.79 -31.68
N ALA C 183 25.26 1.97 -31.96
CA ALA C 183 26.53 2.04 -32.67
C ALA C 183 27.67 1.49 -31.82
N ARG C 184 27.56 1.57 -30.49
CA ARG C 184 28.61 1.07 -29.60
C ARG C 184 28.14 -0.12 -28.78
N TYR C 185 27.09 -0.79 -29.22
CA TYR C 185 26.52 -1.91 -28.47
C TYR C 185 27.04 -3.23 -29.00
N THR C 186 27.24 -4.19 -28.09
CA THR C 186 27.63 -5.55 -28.43
C THR C 186 26.65 -6.53 -27.81
N THR C 187 26.48 -7.67 -28.47
CA THR C 187 25.55 -8.70 -27.99
C THR C 187 26.09 -9.35 -26.73
N PRO C 188 25.30 -9.42 -25.64
CA PRO C 188 25.74 -10.04 -24.38
C PRO C 188 25.97 -11.54 -24.48
N PRO C 195 16.66 -14.80 -35.24
CA PRO C 195 17.86 -14.90 -34.41
C PRO C 195 18.77 -16.04 -34.83
N GLY C 196 18.17 -17.21 -35.08
CA GLY C 196 18.95 -18.35 -35.54
C GLY C 196 19.52 -18.17 -36.93
N GLU C 197 18.76 -17.55 -37.83
CA GLU C 197 19.24 -17.32 -39.19
C GLU C 197 20.25 -16.18 -39.26
N ASP C 198 20.17 -15.21 -38.35
CA ASP C 198 21.01 -14.02 -38.44
C ASP C 198 21.15 -13.43 -37.05
N PRO C 199 22.37 -13.05 -36.63
CA PRO C 199 22.56 -12.52 -35.27
C PRO C 199 22.30 -11.04 -35.10
N ARG C 200 22.04 -10.29 -36.18
CA ARG C 200 21.69 -8.89 -36.05
C ARG C 200 20.33 -8.71 -35.41
N VAL C 201 19.41 -9.64 -35.66
CA VAL C 201 18.12 -9.67 -34.98
C VAL C 201 18.32 -9.89 -33.48
N THR C 202 19.24 -10.79 -33.12
CA THR C 202 19.58 -11.04 -31.72
C THR C 202 20.18 -9.81 -31.07
N ARG C 203 21.05 -9.10 -31.80
CA ARG C 203 21.65 -7.87 -31.27
C ARG C 203 20.60 -6.79 -31.05
N ALA C 204 19.64 -6.65 -31.98
CA ALA C 204 18.60 -5.63 -31.83
C ALA C 204 17.64 -5.96 -30.69
N LYS C 205 17.21 -7.22 -30.59
CA LYS C 205 16.26 -7.59 -29.53
C LYS C 205 16.92 -7.53 -28.15
N TYR C 206 18.19 -7.90 -28.06
CA TYR C 206 18.88 -7.79 -26.79
C TYR C 206 19.29 -6.36 -26.49
N PHE C 207 19.41 -5.49 -27.50
CA PHE C 207 19.61 -4.08 -27.24
C PHE C 207 18.36 -3.44 -26.63
N ILE C 208 17.19 -3.77 -27.17
CA ILE C 208 15.94 -3.24 -26.62
C ILE C 208 15.72 -3.79 -25.20
N ARG C 209 15.99 -5.09 -25.00
CA ARG C 209 15.91 -5.69 -23.68
C ARG C 209 16.91 -5.05 -22.71
N ASP C 210 18.11 -4.73 -23.19
CA ASP C 210 19.12 -4.11 -22.34
C ASP C 210 18.78 -2.67 -22.00
N GLU C 211 18.13 -1.94 -22.91
CA GLU C 211 17.66 -0.59 -22.59
C GLU C 211 16.60 -0.62 -21.51
N PHE C 212 15.64 -1.55 -21.64
CA PHE C 212 14.59 -1.66 -20.63
C PHE C 212 15.16 -2.16 -19.30
N LEU C 213 16.12 -3.07 -19.34
CA LEU C 213 16.73 -3.55 -18.10
C LEU C 213 17.67 -2.52 -17.47
N ARG C 214 18.24 -1.63 -18.29
CA ARG C 214 19.02 -0.53 -17.75
C ARG C 214 18.14 0.46 -17.02
N ILE C 215 16.94 0.74 -17.57
CA ILE C 215 15.97 1.56 -16.85
C ILE C 215 15.50 0.84 -15.59
N SER C 216 15.33 -0.48 -15.67
CA SER C 216 14.88 -1.27 -14.53
C SER C 216 15.90 -1.28 -13.39
N THR C 217 17.18 -1.43 -13.72
CA THR C 217 18.24 -1.53 -12.73
C THR C 217 18.89 -0.19 -12.39
N ALA C 218 18.44 0.91 -13.01
CA ALA C 218 18.94 2.22 -12.65
C ALA C 218 18.49 2.64 -11.25
N SER C 219 17.37 2.11 -10.78
CA SER C 219 16.88 2.42 -9.44
C SER C 219 16.54 1.14 -8.68
N ARG C 223 13.54 -4.65 -4.44
CA ARG C 223 12.14 -4.72 -4.03
C ARG C 223 11.27 -5.17 -5.19
N HIS C 224 11.68 -4.83 -6.41
CA HIS C 224 10.94 -5.23 -7.61
C HIS C 224 11.91 -5.40 -8.77
N TYR C 225 11.69 -6.44 -9.56
CA TYR C 225 12.55 -6.81 -10.66
C TYR C 225 11.78 -6.71 -11.97
N CYS C 226 12.49 -6.89 -13.08
CA CYS C 226 11.90 -6.88 -14.40
C CYS C 226 12.15 -8.24 -15.06
N TYR C 227 11.16 -8.71 -15.82
CA TYR C 227 11.20 -10.04 -16.42
C TYR C 227 10.97 -9.90 -17.91
N PRO C 228 12.00 -9.55 -18.68
CA PRO C 228 11.81 -9.33 -20.12
C PRO C 228 11.67 -10.63 -20.88
N HIS C 229 10.81 -10.61 -21.90
CA HIS C 229 10.55 -11.79 -22.71
C HIS C 229 10.47 -11.37 -24.18
N PHE C 230 10.85 -12.30 -25.04
CA PHE C 230 10.74 -12.13 -26.49
C PHE C 230 9.65 -13.07 -26.99
N THR C 231 8.63 -12.49 -27.63
CA THR C 231 7.47 -13.26 -28.03
C THR C 231 6.81 -12.59 -29.22
N CYS C 232 5.99 -13.36 -29.93
CA CYS C 232 5.30 -12.93 -31.13
C CYS C 232 3.80 -12.86 -30.87
N ALA C 233 3.05 -12.55 -31.93
CA ALA C 233 1.59 -12.55 -31.81
C ALA C 233 1.05 -13.96 -31.70
N VAL C 234 1.64 -14.91 -32.43
CA VAL C 234 1.21 -16.31 -32.38
C VAL C 234 2.20 -17.02 -31.47
N ASP C 235 1.88 -17.06 -30.18
CA ASP C 235 2.75 -17.69 -29.18
C ASP C 235 1.87 -18.07 -28.01
N THR C 236 1.81 -19.37 -27.71
CA THR C 236 0.98 -19.89 -26.63
C THR C 236 1.73 -20.02 -25.30
N GLU C 237 3.00 -19.63 -25.27
CA GLU C 237 3.85 -19.79 -24.10
C GLU C 237 3.72 -18.61 -23.14
N ASN C 238 3.02 -17.55 -23.55
CA ASN C 238 2.96 -16.30 -22.77
C ASN C 238 2.24 -16.48 -21.44
N ALA C 239 1.23 -17.34 -21.38
CA ALA C 239 0.58 -17.66 -20.10
C ALA C 239 1.54 -18.40 -19.18
N ARG C 240 2.34 -19.31 -19.73
CA ARG C 240 3.34 -20.02 -18.94
C ARG C 240 4.44 -19.08 -18.45
N ARG C 241 4.84 -18.12 -19.29
CA ARG C 241 5.84 -17.13 -18.88
C ARG C 241 5.30 -16.21 -17.80
N ILE C 242 4.02 -15.82 -17.91
CA ILE C 242 3.35 -15.05 -16.86
C ILE C 242 3.30 -15.84 -15.56
N PHE C 243 2.98 -17.13 -15.65
CA PHE C 243 2.91 -18.00 -14.48
C PHE C 243 4.28 -18.13 -13.80
N ASN C 244 5.33 -18.34 -14.58
CA ASN C 244 6.67 -18.51 -14.02
C ASN C 244 7.19 -17.21 -13.41
N ASP C 245 6.94 -16.07 -14.07
CA ASP C 245 7.38 -14.79 -13.55
C ASP C 245 6.61 -14.41 -12.29
N CYS C 246 5.30 -14.68 -12.25
CA CYS C 246 4.53 -14.41 -11.05
C CYS C 246 4.90 -15.35 -9.92
N ARG C 247 5.29 -16.59 -10.25
CA ARG C 247 5.84 -17.50 -9.25
C ARG C 247 7.12 -16.95 -8.65
N ASP C 248 8.00 -16.40 -9.48
CA ASP C 248 9.23 -15.78 -8.98
C ASP C 248 8.92 -14.53 -8.16
N ILE C 249 7.91 -13.75 -8.54
CA ILE C 249 7.54 -12.53 -7.83
C ILE C 249 7.03 -12.87 -6.44
N ILE C 250 6.09 -13.81 -6.35
CA ILE C 250 5.51 -14.18 -5.05
C ILE C 250 6.53 -14.96 -4.23
N GLN C 251 7.45 -15.69 -4.87
CA GLN C 251 8.54 -16.33 -4.15
C GLN C 251 9.48 -15.32 -3.52
N ARG C 252 9.84 -14.26 -4.25
CA ARG C 252 10.70 -13.22 -3.68
C ARG C 252 9.98 -12.42 -2.60
N MET C 253 8.66 -12.22 -2.77
CA MET C 253 7.86 -11.57 -1.73
C MET C 253 7.82 -12.40 -0.46
N HIS C 254 7.69 -13.73 -0.59
CA HIS C 254 7.72 -14.60 0.57
C HIS C 254 9.12 -14.70 1.17
N LEU C 255 10.16 -14.60 0.35
CA LEU C 255 11.52 -14.59 0.86
C LEU C 255 11.77 -13.32 1.68
N ARG C 256 11.19 -12.20 1.27
CA ARG C 256 11.24 -11.00 2.09
C ARG C 256 10.36 -11.13 3.33
N GLN C 257 9.25 -11.86 3.24
CA GLN C 257 8.30 -11.95 4.34
C GLN C 257 8.82 -12.81 5.49
N TYR C 258 9.36 -13.98 5.18
CA TYR C 258 9.99 -14.87 6.15
C TYR C 258 11.46 -14.56 6.38
N GLU C 259 11.90 -13.35 6.03
CA GLU C 259 13.16 -12.75 6.43
C GLU C 259 14.39 -13.50 5.91
N LEU C 260 14.25 -14.27 4.85
CA LEU C 260 15.44 -14.78 4.18
C LEU C 260 16.09 -13.69 3.34
N LEU C 261 15.32 -12.75 2.84
CA LEU C 261 15.85 -11.62 2.09
C LEU C 261 15.45 -10.30 2.74
N GLU D 33 -8.60 33.89 -36.03
CA GLU D 33 -7.18 33.80 -35.71
C GLU D 33 -6.97 33.39 -34.25
N LEU D 34 -6.09 32.41 -34.04
CA LEU D 34 -5.81 31.94 -32.68
C LEU D 34 -4.94 32.93 -31.91
N ASP D 35 -4.16 33.76 -32.60
CA ASP D 35 -3.25 34.67 -31.93
C ASP D 35 -3.99 35.79 -31.21
N GLN D 36 -5.03 36.35 -31.85
CA GLN D 36 -5.80 37.41 -31.20
C GLN D 36 -6.65 36.86 -30.06
N LEU D 37 -7.11 35.61 -30.18
CA LEU D 37 -7.82 34.98 -29.07
C LEU D 37 -6.89 34.68 -27.91
N ARG D 38 -5.64 34.31 -28.20
CA ARG D 38 -4.63 34.13 -27.16
C ARG D 38 -4.32 35.45 -26.47
N GLN D 39 -4.23 36.53 -27.24
CA GLN D 39 -4.00 37.86 -26.68
C GLN D 39 -5.17 38.31 -25.81
N GLU D 40 -6.40 38.04 -26.24
CA GLU D 40 -7.57 38.37 -25.44
C GLU D 40 -7.64 37.54 -24.17
N ALA D 41 -7.24 36.25 -24.26
CA ALA D 41 -7.24 35.39 -23.09
C ALA D 41 -6.20 35.82 -22.07
N GLU D 42 -5.00 36.20 -22.53
CA GLU D 42 -3.99 36.65 -21.57
C GLU D 42 -4.32 38.04 -21.03
N GLN D 43 -5.02 38.87 -21.81
CA GLN D 43 -5.49 40.15 -21.30
C GLN D 43 -6.56 39.96 -20.22
N LEU D 44 -7.46 38.99 -20.43
CA LEU D 44 -8.48 38.70 -19.41
C LEU D 44 -7.85 38.08 -18.17
N LYS D 45 -6.82 37.24 -18.34
CA LYS D 45 -6.09 36.67 -17.21
C LYS D 45 -5.36 37.76 -16.43
N ASN D 46 -4.77 38.72 -17.13
CA ASN D 46 -4.11 39.84 -16.46
C ASN D 46 -5.12 40.74 -15.75
N GLN D 47 -6.31 40.92 -16.34
CA GLN D 47 -7.37 41.68 -15.68
C GLN D 47 -7.85 41.00 -14.41
N ILE D 48 -8.03 39.67 -14.46
CA ILE D 48 -8.46 38.92 -13.29
C ILE D 48 -7.37 38.94 -12.20
N ARG D 49 -6.10 38.81 -12.60
CA ARG D 49 -5.00 38.88 -11.64
C ARG D 49 -4.87 40.27 -11.02
N ASP D 50 -5.09 41.32 -11.81
CA ASP D 50 -5.03 42.69 -11.28
C ASP D 50 -6.21 42.97 -10.35
N ALA D 51 -7.39 42.43 -10.67
CA ALA D 51 -8.54 42.58 -9.78
C ALA D 51 -8.34 41.84 -8.46
N ARG D 52 -7.74 40.65 -8.52
CA ARG D 52 -7.44 39.91 -7.29
C ARG D 52 -6.32 40.58 -6.50
N LYS D 53 -5.37 41.24 -7.18
CA LYS D 53 -4.30 41.92 -6.47
C LYS D 53 -4.79 43.20 -5.81
N ALA D 54 -5.66 43.96 -6.50
CA ALA D 54 -6.22 45.15 -5.89
C ALA D 54 -7.24 44.81 -4.82
N CYS D 55 -7.90 43.66 -4.94
CA CYS D 55 -8.85 43.22 -3.93
C CYS D 55 -8.16 42.69 -2.67
N ALA D 56 -6.90 42.29 -2.78
CA ALA D 56 -6.16 41.72 -1.65
C ALA D 56 -5.62 42.86 -0.79
N ASP D 57 -6.52 43.46 0.00
CA ASP D 57 -6.10 44.49 0.93
C ASP D 57 -5.38 43.91 2.14
N ALA D 58 -5.79 42.72 2.59
CA ALA D 58 -5.14 42.04 3.69
C ALA D 58 -5.25 40.54 3.46
N THR D 59 -4.81 39.76 4.45
CA THR D 59 -4.86 38.31 4.39
C THR D 59 -5.65 37.78 5.59
N LEU D 60 -6.04 36.51 5.50
CA LEU D 60 -6.75 35.88 6.61
C LEU D 60 -5.83 35.67 7.81
N SER D 61 -4.54 35.41 7.56
CA SER D 61 -3.60 35.17 8.64
C SER D 61 -3.28 36.46 9.40
N GLN D 62 -3.20 37.59 8.70
CA GLN D 62 -2.94 38.86 9.36
C GLN D 62 -4.12 39.30 10.22
N ILE D 63 -5.34 39.01 9.76
CA ILE D 63 -6.53 39.31 10.56
C ILE D 63 -6.63 38.37 11.76
N THR D 64 -6.38 37.08 11.54
CA THR D 64 -6.53 36.09 12.60
C THR D 64 -5.27 35.94 13.46
N ASN D 65 -4.26 36.80 13.26
CA ASN D 65 -3.10 36.80 14.13
C ASN D 65 -3.42 37.28 15.54
N ASN D 66 -4.48 38.07 15.71
CA ASN D 66 -4.85 38.61 17.00
C ASN D 66 -5.68 37.64 17.86
N ILE D 67 -6.24 36.59 17.27
CA ILE D 67 -7.05 35.65 18.03
C ILE D 67 -6.16 34.52 18.52
N ASP D 68 -6.65 33.81 19.54
CA ASP D 68 -5.88 32.75 20.19
C ASP D 68 -5.80 31.50 19.31
N PRO D 69 -4.69 30.76 19.41
CA PRO D 69 -4.59 29.50 18.68
C PRO D 69 -5.47 28.41 19.27
N VAL D 70 -5.66 27.35 18.49
CA VAL D 70 -6.51 26.24 18.91
C VAL D 70 -5.78 25.21 19.75
N GLY D 71 -4.49 25.40 20.01
CA GLY D 71 -3.73 24.45 20.80
C GLY D 71 -3.39 23.19 20.00
N ARG D 72 -3.15 22.12 20.75
CA ARG D 72 -2.85 20.82 20.18
C ARG D 72 -4.05 19.91 20.36
N ILE D 73 -4.53 19.33 19.27
CA ILE D 73 -5.68 18.43 19.29
C ILE D 73 -5.15 17.01 19.14
N GLN D 74 -5.33 16.21 20.19
CA GLN D 74 -4.87 14.82 20.21
C GLN D 74 -6.09 13.92 19.99
N MET D 75 -6.43 13.71 18.72
CA MET D 75 -7.49 12.77 18.37
C MET D 75 -6.99 11.34 18.50
N ARG D 76 -7.76 10.51 19.19
CA ARG D 76 -7.41 9.11 19.37
C ARG D 76 -8.29 8.24 18.49
N THR D 77 -7.75 7.08 18.13
CA THR D 77 -8.50 6.08 17.38
C THR D 77 -9.52 5.40 18.27
N ARG D 78 -10.75 5.91 18.25
CA ARG D 78 -11.79 5.32 19.09
C ARG D 78 -12.29 4.01 18.53
N ARG D 79 -12.31 3.85 17.22
CA ARG D 79 -12.77 2.63 16.60
C ARG D 79 -11.97 2.37 15.33
N THR D 80 -11.67 1.11 15.07
CA THR D 80 -11.01 0.70 13.84
C THR D 80 -11.92 -0.28 13.11
N LEU D 81 -12.28 0.08 11.89
CA LEU D 81 -13.22 -0.71 11.09
C LEU D 81 -12.44 -1.59 10.14
N ARG D 82 -12.43 -2.89 10.40
CA ARG D 82 -11.65 -3.85 9.64
C ARG D 82 -12.57 -4.87 8.97
N GLY D 83 -12.11 -5.39 7.84
CA GLY D 83 -12.91 -6.32 7.07
C GLY D 83 -12.70 -6.17 5.57
N HIS D 84 -12.18 -5.03 5.15
CA HIS D 84 -11.80 -4.85 3.76
C HIS D 84 -10.57 -5.69 3.44
N LEU D 85 -10.49 -6.15 2.21
CA LEU D 85 -9.36 -6.98 1.78
C LEU D 85 -8.32 -6.21 0.98
N ALA D 86 -8.74 -5.26 0.16
CA ALA D 86 -7.83 -4.41 -0.60
C ALA D 86 -7.91 -2.99 -0.06
N LYS D 87 -7.14 -2.10 -0.69
CA LYS D 87 -7.03 -0.72 -0.24
C LYS D 87 -8.33 0.04 -0.50
N ILE D 88 -8.55 1.10 0.29
CA ILE D 88 -9.78 1.87 0.27
C ILE D 88 -9.51 3.17 -0.49
N TYR D 89 -10.40 3.54 -1.41
CA TYR D 89 -10.35 4.91 -1.91
C TYR D 89 -11.37 5.87 -1.34
N ALA D 90 -12.58 5.44 -1.04
CA ALA D 90 -13.56 6.43 -0.63
C ALA D 90 -14.37 5.93 0.54
N MET D 91 -14.73 6.86 1.40
CA MET D 91 -15.84 6.69 2.30
C MET D 91 -16.77 7.88 2.16
N HIS D 92 -17.98 7.72 2.70
CA HIS D 92 -18.89 8.84 2.89
C HIS D 92 -19.72 8.56 4.13
N TRP D 93 -19.71 9.50 5.06
CA TRP D 93 -20.53 9.38 6.26
C TRP D 93 -22.01 9.53 5.92
N GLY D 94 -22.85 8.85 6.69
CA GLY D 94 -24.27 9.10 6.60
C GLY D 94 -24.64 10.39 7.29
N THR D 95 -25.84 10.89 6.97
CA THR D 95 -26.33 12.11 7.61
C THR D 95 -26.78 11.88 9.04
N ASP D 96 -26.96 10.63 9.46
CA ASP D 96 -27.23 10.30 10.85
C ASP D 96 -25.96 10.18 11.68
N SER D 97 -24.79 10.35 11.05
CA SER D 97 -23.46 10.31 11.66
C SER D 97 -23.15 8.99 12.34
N ARG D 98 -23.78 7.90 11.90
CA ARG D 98 -23.55 6.58 12.46
C ARG D 98 -23.05 5.59 11.42
N LEU D 99 -23.71 5.51 10.27
CA LEU D 99 -23.35 4.58 9.21
C LEU D 99 -22.47 5.27 8.18
N LEU D 100 -21.57 4.51 7.59
CA LEU D 100 -20.73 5.01 6.51
C LEU D 100 -20.50 3.90 5.50
N VAL D 101 -20.52 4.24 4.23
CA VAL D 101 -20.20 3.30 3.17
C VAL D 101 -18.72 3.47 2.84
N SER D 102 -18.02 2.38 2.57
CA SER D 102 -16.61 2.45 2.23
C SER D 102 -16.30 1.56 1.04
N ALA D 103 -15.43 2.06 0.16
CA ALA D 103 -15.18 1.47 -1.15
C ALA D 103 -13.75 0.97 -1.24
N SER D 104 -13.60 -0.32 -1.54
CA SER D 104 -12.28 -0.94 -1.64
C SER D 104 -12.16 -1.77 -2.90
N GLN D 105 -10.91 -1.86 -3.39
CA GLN D 105 -10.52 -2.36 -4.71
C GLN D 105 -10.67 -3.86 -4.88
N ASP D 106 -11.11 -4.60 -3.86
CA ASP D 106 -11.58 -5.96 -4.09
C ASP D 106 -12.96 -5.99 -4.71
N GLY D 107 -13.60 -4.82 -4.84
CA GLY D 107 -14.94 -4.73 -5.38
C GLY D 107 -15.92 -4.77 -4.24
N LYS D 108 -15.63 -4.05 -3.15
CA LYS D 108 -16.41 -4.19 -1.94
C LYS D 108 -16.89 -2.82 -1.46
N LEU D 109 -18.19 -2.68 -1.28
CA LEU D 109 -18.80 -1.52 -0.64
C LEU D 109 -19.37 -1.99 0.69
N ILE D 110 -18.68 -1.69 1.79
CA ILE D 110 -19.17 -2.10 3.10
C ILE D 110 -19.79 -0.90 3.78
N ILE D 111 -21.06 -1.00 4.13
CA ILE D 111 -21.74 -0.02 4.97
C ILE D 111 -21.62 -0.51 6.41
N TRP D 112 -20.99 0.31 7.25
CA TRP D 112 -20.65 -0.05 8.61
C TRP D 112 -21.65 0.57 9.57
N ASP D 113 -21.49 0.25 10.84
CA ASP D 113 -22.16 0.94 11.95
C ASP D 113 -21.04 1.33 12.91
N SER D 114 -20.62 2.60 12.84
CA SER D 114 -19.45 3.04 13.59
C SER D 114 -19.68 3.06 15.09
N TYR D 115 -20.94 3.09 15.54
CA TYR D 115 -21.22 3.06 16.97
C TYR D 115 -20.96 1.68 17.55
N THR D 116 -21.32 0.62 16.81
CA THR D 116 -21.25 -0.74 17.33
C THR D 116 -20.31 -1.64 16.53
N THR D 117 -19.52 -1.07 15.61
CA THR D 117 -18.38 -1.66 14.87
C THR D 117 -18.87 -2.67 13.81
N ASN D 118 -20.16 -3.02 13.83
CA ASN D 118 -20.68 -4.05 12.95
C ASN D 118 -20.85 -3.53 11.53
N LYS D 119 -20.86 -4.47 10.59
CA LYS D 119 -21.05 -4.16 9.18
C LYS D 119 -22.53 -4.32 8.85
N VAL D 120 -23.18 -3.21 8.48
CA VAL D 120 -24.59 -3.26 8.13
C VAL D 120 -24.80 -3.98 6.80
N HIS D 121 -23.97 -3.67 5.80
CA HIS D 121 -24.10 -4.26 4.48
C HIS D 121 -22.72 -4.50 3.88
N ALA D 122 -22.64 -5.49 3.00
CA ALA D 122 -21.42 -5.78 2.26
C ALA D 122 -21.82 -6.05 0.81
N ILE D 123 -21.62 -5.07 -0.05
CA ILE D 123 -22.02 -5.14 -1.45
C ILE D 123 -20.83 -5.62 -2.27
N PRO D 124 -20.96 -6.75 -2.99
CA PRO D 124 -19.92 -7.14 -3.95
C PRO D 124 -20.13 -6.44 -5.27
N LEU D 125 -19.17 -5.62 -5.67
CA LEU D 125 -19.31 -4.81 -6.86
C LEU D 125 -19.00 -5.61 -8.12
N ARG D 126 -19.53 -5.14 -9.25
CA ARG D 126 -19.28 -5.80 -10.52
C ARG D 126 -17.84 -5.60 -10.97
N SER D 127 -17.32 -4.38 -10.83
CA SER D 127 -15.94 -4.07 -11.17
C SER D 127 -15.11 -3.98 -9.90
N SER D 128 -13.89 -4.52 -9.97
CA SER D 128 -13.03 -4.56 -8.79
C SER D 128 -12.53 -3.18 -8.41
N TRP D 129 -12.05 -2.40 -9.38
CA TRP D 129 -11.44 -1.10 -9.09
C TRP D 129 -12.52 -0.05 -8.95
N VAL D 130 -12.92 0.18 -7.70
CA VAL D 130 -13.82 1.26 -7.33
C VAL D 130 -12.98 2.40 -6.77
N MET D 131 -13.28 3.62 -7.21
CA MET D 131 -12.51 4.78 -6.79
C MET D 131 -13.31 5.79 -6.02
N THR D 132 -14.64 5.68 -6.01
CA THR D 132 -15.47 6.64 -5.31
C THR D 132 -16.66 5.90 -4.70
N CYS D 133 -17.26 6.53 -3.70
CA CYS D 133 -18.49 6.05 -3.12
C CYS D 133 -19.22 7.22 -2.48
N ALA D 134 -20.54 7.07 -2.36
CA ALA D 134 -21.37 8.10 -1.76
C ALA D 134 -22.44 7.44 -0.91
N TYR D 135 -22.97 8.18 0.04
CA TYR D 135 -24.07 7.74 0.87
C TYR D 135 -25.14 8.82 0.77
N ALA D 136 -26.37 8.40 0.46
CA ALA D 136 -27.44 9.35 0.18
C ALA D 136 -27.85 10.10 1.46
N PRO D 137 -28.29 11.36 1.33
CA PRO D 137 -28.79 12.09 2.51
C PRO D 137 -30.00 11.43 3.17
N SER D 138 -30.87 10.80 2.39
CA SER D 138 -31.96 10.04 2.97
C SER D 138 -31.47 8.73 3.57
N GLY D 139 -30.36 8.20 3.04
CA GLY D 139 -29.82 6.95 3.50
C GLY D 139 -30.30 5.72 2.74
N ASN D 140 -31.21 5.88 1.79
CA ASN D 140 -31.78 4.74 1.09
C ASN D 140 -30.83 4.14 0.07
N TYR D 141 -29.99 4.95 -0.57
CA TYR D 141 -29.10 4.48 -1.62
C TYR D 141 -27.65 4.77 -1.27
N VAL D 142 -26.76 4.03 -1.94
CA VAL D 142 -25.34 4.35 -2.00
C VAL D 142 -24.92 4.37 -3.46
N ALA D 143 -23.75 4.93 -3.71
CA ALA D 143 -23.20 4.97 -5.05
C ALA D 143 -21.78 4.44 -5.02
N CYS D 144 -21.29 4.04 -6.19
CA CYS D 144 -19.88 3.72 -6.35
C CYS D 144 -19.49 3.96 -7.80
N GLY D 145 -18.19 4.00 -8.03
CA GLY D 145 -17.69 4.18 -9.38
C GLY D 145 -16.18 4.16 -9.36
N GLY D 146 -15.61 4.09 -10.57
CA GLY D 146 -14.18 3.97 -10.69
C GLY D 146 -13.75 3.81 -12.13
N LEU D 147 -12.90 2.82 -12.38
CA LEU D 147 -12.37 2.60 -13.72
C LEU D 147 -13.38 2.01 -14.68
N ASP D 148 -14.53 1.54 -14.18
CA ASP D 148 -15.59 0.99 -15.02
C ASP D 148 -16.43 2.03 -15.74
N ASN D 149 -16.11 3.32 -15.56
CA ASN D 149 -16.68 4.46 -16.26
C ASN D 149 -18.16 4.67 -15.92
N ILE D 150 -18.65 4.06 -14.85
CA ILE D 150 -20.08 3.92 -14.59
C ILE D 150 -20.33 4.19 -13.10
N CYS D 151 -21.31 5.04 -12.81
CA CYS D 151 -21.78 5.23 -11.44
C CYS D 151 -22.88 4.20 -11.16
N SER D 152 -22.59 3.27 -10.25
CA SER D 152 -23.56 2.25 -9.86
C SER D 152 -24.26 2.70 -8.59
N ILE D 153 -25.59 2.83 -8.67
CA ILE D 153 -26.43 3.21 -7.54
C ILE D 153 -27.06 1.95 -6.98
N TYR D 154 -26.84 1.70 -5.70
CA TYR D 154 -27.38 0.53 -5.01
C TYR D 154 -28.45 0.95 -4.02
N ASN D 155 -29.51 0.17 -3.94
CA ASN D 155 -30.64 0.42 -3.04
C ASN D 155 -30.41 -0.37 -1.75
N LEU D 156 -30.30 0.36 -0.63
CA LEU D 156 -30.13 -0.27 0.67
C LEU D 156 -31.46 -0.54 1.37
N LYS D 157 -32.57 -0.05 0.83
CA LYS D 157 -33.89 -0.19 1.45
C LYS D 157 -34.82 -1.01 0.56
N THR D 158 -34.31 -2.12 0.02
CA THR D 158 -35.14 -2.98 -0.82
C THR D 158 -36.17 -3.72 0.02
N ARG D 159 -37.29 -4.06 -0.63
CA ARG D 159 -38.36 -4.77 0.06
C ARG D 159 -37.97 -6.21 0.36
N GLU D 160 -37.16 -6.84 -0.50
CA GLU D 160 -36.71 -8.20 -0.25
C GLU D 160 -35.72 -8.25 0.91
N GLY D 161 -34.80 -7.28 0.97
CA GLY D 161 -33.82 -7.25 2.02
C GLY D 161 -32.39 -7.18 1.51
N ASN D 162 -32.12 -7.86 0.41
CA ASN D 162 -30.79 -7.85 -0.18
C ASN D 162 -30.57 -6.56 -0.98
N VAL D 163 -29.31 -6.20 -1.15
CA VAL D 163 -28.93 -4.98 -1.85
C VAL D 163 -28.69 -5.32 -3.32
N ARG D 164 -29.45 -4.68 -4.20
CA ARG D 164 -29.34 -4.88 -5.64
C ARG D 164 -28.94 -3.57 -6.30
N VAL D 165 -28.64 -3.66 -7.59
CA VAL D 165 -28.27 -2.49 -8.38
C VAL D 165 -29.54 -1.70 -8.67
N SER D 166 -29.68 -0.53 -8.07
CA SER D 166 -30.84 0.31 -8.37
C SER D 166 -30.71 0.96 -9.73
N ARG D 167 -29.50 1.43 -10.07
CA ARG D 167 -29.30 2.12 -11.34
C ARG D 167 -27.86 1.95 -11.78
N GLU D 168 -27.64 2.03 -13.10
CA GLU D 168 -26.35 1.79 -13.72
C GLU D 168 -26.10 2.98 -14.64
N LEU D 169 -25.58 4.08 -14.10
CA LEU D 169 -25.41 5.32 -14.85
C LEU D 169 -24.16 5.22 -15.70
N ALA D 170 -24.34 5.16 -17.03
CA ALA D 170 -23.25 5.11 -17.97
C ALA D 170 -23.34 6.32 -18.91
N GLY D 171 -22.18 6.75 -19.40
CA GLY D 171 -22.12 7.91 -20.26
C GLY D 171 -20.85 8.72 -20.07
N HIS D 172 -20.15 8.49 -18.97
CA HIS D 172 -18.84 9.08 -18.77
C HIS D 172 -17.80 8.32 -19.57
N THR D 173 -16.75 9.04 -19.98
CA THR D 173 -15.67 8.46 -20.76
C THR D 173 -14.47 8.05 -19.90
N GLY D 174 -14.02 8.93 -19.01
CA GLY D 174 -12.92 8.63 -18.12
C GLY D 174 -13.38 7.99 -16.83
N TYR D 175 -12.39 7.65 -16.00
CA TYR D 175 -12.63 6.98 -14.73
C TYR D 175 -13.43 7.86 -13.78
N LEU D 176 -14.34 7.26 -13.04
CA LEU D 176 -15.14 8.01 -12.07
C LEU D 176 -14.33 8.21 -10.80
N SER D 177 -14.09 9.46 -10.42
CA SER D 177 -13.22 9.77 -9.29
C SER D 177 -13.97 10.23 -8.06
N CYS D 178 -15.07 10.96 -8.23
CA CYS D 178 -15.90 11.35 -7.10
C CYS D 178 -17.34 11.45 -7.55
N CYS D 179 -18.24 10.96 -6.70
CA CYS D 179 -19.67 11.12 -6.88
C CYS D 179 -20.29 11.46 -5.53
N ARG D 180 -21.22 12.40 -5.53
CA ARG D 180 -21.92 12.78 -4.32
C ARG D 180 -23.39 13.00 -4.64
N PHE D 181 -24.27 12.49 -3.79
CA PHE D 181 -25.70 12.65 -3.99
C PHE D 181 -26.13 14.08 -3.66
N LEU D 182 -27.17 14.54 -4.37
CA LEU D 182 -27.90 15.71 -3.93
C LEU D 182 -29.13 15.33 -3.13
N ASP D 183 -29.83 14.29 -3.58
CA ASP D 183 -30.99 13.73 -2.92
C ASP D 183 -31.13 12.29 -3.42
N ASP D 184 -32.29 11.69 -3.21
CA ASP D 184 -32.56 10.36 -3.76
C ASP D 184 -32.73 10.39 -5.27
N ASN D 185 -32.93 11.56 -5.86
CA ASN D 185 -33.39 11.71 -7.24
C ASN D 185 -32.23 12.01 -8.19
N GLN D 186 -31.26 12.81 -7.76
CA GLN D 186 -30.17 13.27 -8.62
C GLN D 186 -28.82 12.98 -7.97
N ILE D 187 -27.78 12.91 -8.80
CA ILE D 187 -26.42 12.71 -8.30
C ILE D 187 -25.43 13.37 -9.25
N VAL D 188 -24.44 14.08 -8.72
CA VAL D 188 -23.39 14.66 -9.53
C VAL D 188 -22.13 13.80 -9.38
N THR D 189 -21.51 13.48 -10.51
CA THR D 189 -20.34 12.63 -10.58
C THR D 189 -19.20 13.37 -11.26
N SER D 190 -18.00 13.26 -10.71
CA SER D 190 -16.80 13.79 -11.35
C SER D 190 -16.04 12.64 -11.98
N SER D 191 -15.58 12.84 -13.21
CA SER D 191 -14.93 11.77 -13.94
C SER D 191 -13.59 12.24 -14.48
N GLY D 192 -12.84 11.28 -15.01
CA GLY D 192 -11.52 11.49 -15.54
C GLY D 192 -11.45 11.97 -16.98
N ASP D 193 -12.60 12.25 -17.59
CA ASP D 193 -12.63 12.83 -18.94
C ASP D 193 -12.78 14.34 -18.92
N THR D 194 -12.25 15.00 -17.87
CA THR D 194 -12.27 16.45 -17.64
C THR D 194 -13.69 17.01 -17.56
N THR D 195 -14.68 16.19 -17.23
CA THR D 195 -16.08 16.62 -17.14
C THR D 195 -16.67 16.18 -15.82
N CYS D 196 -17.69 16.93 -15.38
CA CYS D 196 -18.59 16.49 -14.33
C CYS D 196 -19.98 16.32 -14.93
N ALA D 197 -20.87 15.65 -14.20
CA ALA D 197 -22.19 15.37 -14.75
C ALA D 197 -23.22 15.26 -13.65
N LEU D 198 -24.31 16.01 -13.79
CA LEU D 198 -25.48 15.87 -12.95
C LEU D 198 -26.45 14.91 -13.65
N TRP D 199 -26.65 13.75 -13.02
CA TRP D 199 -27.48 12.66 -13.53
C TRP D 199 -28.80 12.62 -12.79
N ASP D 200 -29.84 12.28 -13.54
CA ASP D 200 -31.13 11.88 -12.99
C ASP D 200 -31.15 10.36 -12.84
N ILE D 201 -31.29 9.88 -11.60
CA ILE D 201 -31.27 8.45 -11.35
C ILE D 201 -32.54 7.78 -11.86
N GLU D 202 -33.66 8.52 -11.92
CA GLU D 202 -34.93 7.94 -12.34
C GLU D 202 -34.92 7.54 -13.81
N THR D 203 -34.32 8.36 -14.68
CA THR D 203 -34.23 8.04 -16.09
C THR D 203 -32.83 7.61 -16.53
N GLY D 204 -31.83 7.76 -15.67
CA GLY D 204 -30.52 7.19 -15.93
C GLY D 204 -29.66 7.90 -16.94
N GLN D 205 -29.89 9.19 -17.18
CA GLN D 205 -29.10 9.95 -18.14
C GLN D 205 -28.68 11.28 -17.54
N GLN D 206 -27.68 11.90 -18.17
CA GLN D 206 -27.13 13.16 -17.70
C GLN D 206 -28.10 14.31 -17.99
N THR D 207 -28.60 14.93 -16.92
CA THR D 207 -29.35 16.17 -17.12
C THR D 207 -28.44 17.34 -17.41
N THR D 208 -27.24 17.34 -16.81
CA THR D 208 -26.32 18.46 -17.00
C THR D 208 -24.90 17.93 -17.16
N THR D 209 -24.18 18.47 -18.13
CA THR D 209 -22.77 18.12 -18.33
C THR D 209 -21.92 19.37 -18.11
N PHE D 210 -21.00 19.28 -17.15
CA PHE D 210 -20.13 20.38 -16.77
C PHE D 210 -18.79 20.20 -17.48
N THR D 211 -18.47 21.10 -18.41
CA THR D 211 -17.26 21.02 -19.21
C THR D 211 -16.46 22.31 -19.09
N GLY D 212 -15.14 22.17 -19.03
CA GLY D 212 -14.28 23.32 -18.86
C GLY D 212 -12.98 23.02 -18.13
N HIS D 213 -12.92 21.88 -17.44
CA HIS D 213 -11.66 21.46 -16.83
C HIS D 213 -10.69 20.99 -17.91
N THR D 214 -9.41 21.11 -17.61
CA THR D 214 -8.34 20.68 -18.52
C THR D 214 -7.77 19.32 -18.14
N GLY D 215 -7.67 19.02 -16.86
CA GLY D 215 -7.16 17.76 -16.38
C GLY D 215 -8.24 16.87 -15.79
N ASP D 216 -7.80 15.74 -15.27
CA ASP D 216 -8.70 14.73 -14.72
C ASP D 216 -9.34 15.25 -13.44
N VAL D 217 -10.66 15.33 -13.41
CA VAL D 217 -11.37 15.83 -12.23
C VAL D 217 -11.33 14.74 -11.16
N MET D 218 -10.72 15.06 -10.02
CA MET D 218 -10.45 14.06 -9.00
C MET D 218 -11.43 14.09 -7.83
N SER D 219 -11.97 15.26 -7.48
CA SER D 219 -12.91 15.33 -6.38
C SER D 219 -13.89 16.48 -6.59
N LEU D 220 -15.11 16.29 -6.09
CA LEU D 220 -16.09 17.36 -6.00
C LEU D 220 -16.58 17.44 -4.56
N SER D 221 -17.28 18.53 -4.26
CA SER D 221 -17.91 18.71 -2.96
C SER D 221 -19.11 19.64 -3.12
N LEU D 222 -20.22 19.27 -2.49
CA LEU D 222 -21.44 20.07 -2.54
C LEU D 222 -21.46 21.11 -1.43
N ALA D 223 -22.09 22.24 -1.74
CA ALA D 223 -22.36 23.25 -0.75
C ALA D 223 -23.45 22.75 0.21
N PRO D 224 -23.52 23.29 1.43
CA PRO D 224 -24.59 22.88 2.36
C PRO D 224 -26.01 23.14 1.87
N ASP D 225 -26.22 24.17 1.05
CA ASP D 225 -27.54 24.40 0.46
C ASP D 225 -27.73 23.64 -0.85
N THR D 226 -26.69 22.94 -1.34
CA THR D 226 -26.68 22.09 -2.54
C THR D 226 -27.15 22.86 -3.79
N ARG D 227 -26.77 24.12 -3.87
CA ARG D 227 -27.06 24.96 -5.04
C ARG D 227 -25.89 25.05 -5.99
N LEU D 228 -24.67 25.08 -5.45
CA LEU D 228 -23.45 25.15 -6.22
C LEU D 228 -22.50 24.08 -5.70
N PHE D 229 -21.51 23.72 -6.51
CA PHE D 229 -20.52 22.75 -6.06
C PHE D 229 -19.17 23.04 -6.71
N VAL D 230 -18.11 22.81 -5.97
CA VAL D 230 -16.74 22.97 -6.48
C VAL D 230 -16.22 21.62 -6.92
N SER D 231 -15.32 21.64 -7.89
CA SER D 231 -14.67 20.43 -8.37
C SER D 231 -13.20 20.72 -8.60
N GLY D 232 -12.33 19.89 -8.03
CA GLY D 232 -10.90 20.01 -8.23
C GLY D 232 -10.41 18.99 -9.25
N ALA D 233 -9.47 19.40 -10.07
CA ALA D 233 -9.00 18.56 -11.17
C ALA D 233 -7.48 18.50 -11.17
N CYS D 234 -6.94 17.79 -12.16
CA CYS D 234 -5.50 17.63 -12.32
C CYS D 234 -4.87 18.74 -13.14
N ASP D 235 -5.52 19.89 -13.25
CA ASP D 235 -4.97 21.04 -13.96
C ASP D 235 -4.60 22.18 -13.01
N ALA D 236 -4.47 21.88 -11.72
CA ALA D 236 -4.19 22.84 -10.64
C ALA D 236 -5.22 23.98 -10.62
N SER D 237 -6.48 23.62 -10.82
CA SER D 237 -7.57 24.58 -10.87
C SER D 237 -8.82 23.95 -10.27
N ALA D 238 -9.56 24.72 -9.48
CA ALA D 238 -10.81 24.28 -8.89
C ALA D 238 -11.93 25.15 -9.44
N LYS D 239 -12.97 24.52 -9.97
CA LYS D 239 -14.04 25.24 -10.63
C LYS D 239 -15.31 25.17 -9.78
N LEU D 240 -15.88 26.33 -9.50
CA LEU D 240 -17.15 26.43 -8.79
C LEU D 240 -18.26 26.53 -9.85
N TRP D 241 -19.12 25.52 -9.85
CA TRP D 241 -20.16 25.25 -10.83
C TRP D 241 -21.53 25.49 -10.19
N ASP D 242 -22.49 25.92 -11.00
CA ASP D 242 -23.88 25.93 -10.55
C ASP D 242 -24.56 24.66 -11.04
N VAL D 243 -25.37 24.06 -10.16
CA VAL D 243 -26.00 22.77 -10.47
C VAL D 243 -27.08 22.93 -11.53
N ARG D 244 -27.95 23.94 -11.37
CA ARG D 244 -29.02 24.14 -12.34
C ARG D 244 -28.52 24.74 -13.64
N GLU D 245 -27.63 25.75 -13.55
CA GLU D 245 -27.21 26.46 -14.76
C GLU D 245 -26.27 25.62 -15.61
N GLY D 246 -25.32 24.95 -14.98
CA GLY D 246 -24.36 24.14 -15.71
C GLY D 246 -23.18 24.90 -16.27
N MET D 247 -23.06 26.19 -15.98
CA MET D 247 -21.97 27.01 -16.45
C MET D 247 -21.02 27.31 -15.30
N CYS D 248 -19.72 27.30 -15.58
CA CYS D 248 -18.71 27.50 -14.55
C CYS D 248 -18.74 28.95 -14.09
N ARG D 249 -19.32 29.18 -12.91
CA ARG D 249 -19.37 30.53 -12.37
C ARG D 249 -17.98 31.03 -11.98
N GLN D 250 -17.21 30.25 -11.24
CA GLN D 250 -15.93 30.77 -10.77
C GLN D 250 -14.82 29.76 -11.02
N THR D 251 -13.61 30.29 -11.24
CA THR D 251 -12.42 29.48 -11.45
C THR D 251 -11.36 29.92 -10.46
N PHE D 252 -10.74 28.97 -9.78
CA PHE D 252 -9.78 29.24 -8.71
C PHE D 252 -8.45 28.61 -9.08
N THR D 253 -7.41 29.44 -9.12
CA THR D 253 -6.06 29.01 -9.42
C THR D 253 -5.15 29.41 -8.27
N GLY D 254 -3.98 28.78 -8.23
CA GLY D 254 -3.04 29.04 -7.15
C GLY D 254 -2.30 27.78 -6.75
N HIS D 255 -2.86 26.63 -7.10
CA HIS D 255 -2.18 25.38 -6.82
C HIS D 255 -1.05 25.14 -7.81
N GLU D 256 -0.21 24.15 -7.48
CA GLU D 256 0.97 23.85 -8.28
C GLU D 256 0.91 22.50 -8.95
N SER D 257 -0.02 21.62 -8.54
CA SER D 257 -0.05 20.26 -9.04
C SER D 257 -1.50 19.78 -9.05
N ASP D 258 -1.68 18.47 -9.18
CA ASP D 258 -3.00 17.89 -9.37
C ASP D 258 -3.81 17.94 -8.07
N ILE D 259 -4.95 18.62 -8.09
CA ILE D 259 -5.82 18.68 -6.92
C ILE D 259 -6.53 17.35 -6.76
N ASN D 260 -6.23 16.64 -5.67
CA ASN D 260 -6.80 15.33 -5.42
C ASN D 260 -8.01 15.38 -4.50
N ALA D 261 -8.25 16.48 -3.81
CA ALA D 261 -9.31 16.54 -2.82
C ALA D 261 -9.82 17.96 -2.71
N ILE D 262 -11.08 18.09 -2.29
CA ILE D 262 -11.75 19.38 -2.20
C ILE D 262 -12.92 19.24 -1.24
N CYS D 263 -13.21 20.31 -0.52
CA CYS D 263 -14.29 20.31 0.48
C CYS D 263 -14.67 21.75 0.78
N PHE D 264 -15.97 22.05 0.76
CA PHE D 264 -16.44 23.36 1.19
C PHE D 264 -16.19 23.60 2.67
N PHE D 265 -16.03 24.89 3.00
CA PHE D 265 -16.17 25.35 4.36
C PHE D 265 -17.64 25.17 4.77
N PRO D 266 -17.90 24.90 6.06
CA PRO D 266 -19.29 24.63 6.48
C PRO D 266 -20.28 25.76 6.28
N ASN D 267 -19.83 27.01 6.13
CA ASN D 267 -20.77 28.09 5.83
C ASN D 267 -21.15 28.13 4.35
N GLY D 268 -20.42 27.41 3.49
CA GLY D 268 -20.73 27.35 2.08
C GLY D 268 -20.16 28.47 1.23
N ASN D 269 -19.36 29.36 1.81
CA ASN D 269 -18.79 30.50 1.08
C ASN D 269 -17.28 30.39 0.91
N ALA D 270 -16.69 29.25 1.23
CA ALA D 270 -15.26 29.04 1.08
C ALA D 270 -15.03 27.55 0.92
N PHE D 271 -13.83 27.19 0.48
CA PHE D 271 -13.50 25.78 0.31
C PHE D 271 -11.99 25.58 0.36
N ALA D 272 -11.58 24.39 0.80
CA ALA D 272 -10.17 24.02 0.88
C ALA D 272 -9.89 22.88 -0.07
N THR D 273 -8.71 22.92 -0.67
CA THR D 273 -8.25 21.93 -1.63
C THR D 273 -6.96 21.29 -1.14
N GLY D 274 -6.80 20.02 -1.46
CA GLY D 274 -5.53 19.34 -1.25
C GLY D 274 -5.00 18.84 -2.59
N SER D 275 -3.69 18.90 -2.76
CA SER D 275 -3.10 18.56 -4.05
C SER D 275 -1.78 17.83 -3.84
N ASP D 276 -1.12 17.52 -4.96
CA ASP D 276 0.11 16.75 -4.94
C ASP D 276 1.34 17.58 -4.63
N ASP D 277 1.22 18.90 -4.55
CA ASP D 277 2.34 19.78 -4.28
C ASP D 277 2.55 20.05 -2.79
N ALA D 278 2.02 19.17 -1.93
CA ALA D 278 2.18 19.18 -0.47
C ALA D 278 1.64 20.43 0.20
N THR D 279 0.73 21.15 -0.47
CA THR D 279 0.10 22.34 0.10
C THR D 279 -1.41 22.18 0.02
N CYS D 280 -2.10 22.42 1.13
CA CYS D 280 -3.53 22.65 1.09
C CYS D 280 -3.78 24.12 0.88
N ARG D 281 -4.91 24.45 0.28
CA ARG D 281 -5.18 25.84 -0.09
C ARG D 281 -6.64 26.16 0.16
N LEU D 282 -6.89 27.13 1.03
CA LEU D 282 -8.24 27.60 1.29
C LEU D 282 -8.50 28.84 0.45
N PHE D 283 -9.53 28.77 -0.40
CA PHE D 283 -10.03 29.83 -1.24
C PHE D 283 -11.41 30.25 -0.74
N ASP D 284 -11.83 31.44 -1.17
CA ASP D 284 -13.15 31.96 -0.87
C ASP D 284 -13.89 32.23 -2.17
N LEU D 285 -15.18 31.88 -2.21
CA LEU D 285 -15.99 32.11 -3.40
C LEU D 285 -16.24 33.60 -3.63
N ARG D 286 -16.53 34.34 -2.57
CA ARG D 286 -16.84 35.76 -2.72
C ARG D 286 -15.59 36.58 -3.01
N ALA D 287 -14.47 36.27 -2.35
CA ALA D 287 -13.21 36.94 -2.64
C ALA D 287 -12.62 36.52 -3.98
N ASP D 288 -12.93 35.30 -4.43
CA ASP D 288 -12.51 34.74 -5.72
C ASP D 288 -10.99 34.71 -5.87
N GLN D 289 -10.30 34.38 -4.77
CA GLN D 289 -8.85 34.24 -4.80
C GLN D 289 -8.41 33.37 -3.63
N GLU D 290 -7.10 33.22 -3.50
CA GLU D 290 -6.51 32.44 -2.42
C GLU D 290 -6.65 33.19 -1.10
N LEU D 291 -7.04 32.46 -0.06
CA LEU D 291 -6.96 33.01 1.29
C LEU D 291 -5.73 32.51 2.04
N MET D 292 -5.51 31.19 2.09
CA MET D 292 -4.44 30.72 2.95
C MET D 292 -3.84 29.41 2.43
N THR D 293 -2.53 29.28 2.60
CA THR D 293 -1.78 28.08 2.22
C THR D 293 -1.37 27.33 3.47
N TYR D 294 -1.59 26.01 3.45
CA TYR D 294 -1.31 25.09 4.56
C TYR D 294 -0.17 24.19 4.12
N SER D 295 1.03 24.48 4.59
CA SER D 295 2.22 23.76 4.13
C SER D 295 3.27 23.78 5.23
N HIS D 296 4.22 22.86 5.12
CA HIS D 296 5.35 22.78 6.04
C HIS D 296 6.56 22.29 5.27
N ASP D 297 7.75 22.66 5.75
CA ASP D 297 8.97 22.21 5.09
C ASP D 297 9.26 20.74 5.34
N ASN D 298 8.67 20.16 6.38
CA ASN D 298 8.81 18.73 6.66
C ASN D 298 7.86 17.88 5.83
N ILE D 299 6.99 18.48 5.02
CA ILE D 299 6.02 17.76 4.21
C ILE D 299 6.37 17.96 2.75
N ILE D 300 6.66 16.86 2.05
CA ILE D 300 6.95 16.86 0.63
C ILE D 300 5.97 15.98 -0.16
N CYS D 301 4.92 15.49 0.50
CA CYS D 301 4.02 14.52 -0.08
C CYS D 301 2.64 15.11 -0.29
N GLY D 302 1.91 14.54 -1.24
CA GLY D 302 0.63 15.12 -1.64
C GLY D 302 -0.49 14.85 -0.65
N ILE D 303 -1.59 15.57 -0.86
CA ILE D 303 -2.79 15.47 -0.04
C ILE D 303 -3.86 14.74 -0.85
N THR D 304 -4.48 13.73 -0.24
CA THR D 304 -5.44 12.89 -0.93
C THR D 304 -6.86 13.06 -0.45
N SER D 305 -7.07 13.71 0.68
CA SER D 305 -8.37 13.72 1.33
C SER D 305 -8.46 14.97 2.19
N VAL D 306 -9.50 15.77 1.98
CA VAL D 306 -9.65 17.06 2.64
C VAL D 306 -11.06 17.16 3.19
N SER D 307 -11.17 17.49 4.48
CA SER D 307 -12.48 17.84 5.01
C SER D 307 -12.31 18.86 6.12
N PHE D 308 -13.42 19.51 6.47
CA PHE D 308 -13.44 20.48 7.55
C PHE D 308 -14.13 19.87 8.76
N SER D 309 -14.06 20.58 9.88
CA SER D 309 -14.78 20.19 11.08
C SER D 309 -16.20 20.75 11.00
N LYS D 310 -16.96 20.65 12.08
CA LYS D 310 -18.31 21.20 12.09
C LYS D 310 -18.28 22.73 12.07
N SER D 311 -17.42 23.33 12.90
CA SER D 311 -17.23 24.77 12.88
C SER D 311 -16.38 25.24 11.71
N GLY D 312 -15.60 24.34 11.11
CA GLY D 312 -14.66 24.71 10.08
C GLY D 312 -13.34 25.22 10.59
N ARG D 313 -13.12 25.25 11.91
CA ARG D 313 -11.86 25.75 12.45
C ARG D 313 -10.71 24.79 12.22
N LEU D 314 -10.98 23.48 12.21
CA LEU D 314 -9.97 22.47 11.94
C LEU D 314 -10.17 21.94 10.54
N LEU D 315 -9.11 21.98 9.73
CA LEU D 315 -9.10 21.39 8.41
C LEU D 315 -8.26 20.14 8.49
N LEU D 316 -8.87 18.98 8.29
CA LEU D 316 -8.15 17.73 8.41
C LEU D 316 -7.84 17.21 7.01
N ALA D 317 -6.57 16.92 6.77
CA ALA D 317 -6.09 16.50 5.46
C ALA D 317 -5.25 15.24 5.59
N GLY D 318 -5.58 14.23 4.80
CA GLY D 318 -4.79 13.02 4.74
C GLY D 318 -3.65 13.16 3.73
N TYR D 319 -2.52 12.56 4.05
CA TYR D 319 -1.29 12.77 3.30
C TYR D 319 -0.75 11.43 2.80
N ASP D 320 0.29 11.53 1.98
CA ASP D 320 1.04 10.38 1.50
C ASP D 320 2.22 10.02 2.39
N ASP D 321 2.43 10.76 3.48
CA ASP D 321 3.44 10.41 4.49
C ASP D 321 2.87 9.54 5.58
N PHE D 322 1.88 8.69 5.23
CA PHE D 322 1.27 7.61 6.01
C PHE D 322 0.32 8.15 7.07
N ASN D 323 0.19 9.45 7.24
CA ASN D 323 -0.50 10.08 8.35
C ASN D 323 -1.51 11.09 7.82
N CYS D 324 -2.16 11.78 8.75
CA CYS D 324 -3.01 12.92 8.47
C CYS D 324 -2.59 14.09 9.35
N ASN D 325 -2.99 15.30 8.94
CA ASN D 325 -2.65 16.51 9.67
C ASN D 325 -3.91 17.33 9.91
N VAL D 326 -4.01 17.89 11.11
CA VAL D 326 -5.14 18.72 11.51
C VAL D 326 -4.63 20.16 11.53
N TRP D 327 -4.79 20.85 10.40
CA TRP D 327 -4.37 22.24 10.30
C TRP D 327 -5.40 23.15 10.93
N ASP D 328 -4.90 24.23 11.52
CA ASP D 328 -5.76 25.34 11.92
C ASP D 328 -6.19 26.09 10.67
N ALA D 329 -7.49 26.15 10.40
CA ALA D 329 -7.97 26.75 9.16
C ALA D 329 -7.86 28.27 9.15
N LEU D 330 -7.67 28.91 10.30
CA LEU D 330 -7.48 30.34 10.35
C LEU D 330 -6.07 30.75 10.73
N LYS D 331 -5.21 29.81 11.12
CA LYS D 331 -3.87 30.13 11.56
C LYS D 331 -2.76 29.41 10.79
N ALA D 332 -3.11 28.43 9.94
CA ALA D 332 -2.18 27.61 9.15
C ALA D 332 -1.15 26.89 10.03
N ASP D 333 -1.54 26.50 11.24
CA ASP D 333 -0.67 25.79 12.15
C ASP D 333 -1.12 24.33 12.23
N ARG D 334 -0.16 23.41 12.06
CA ARG D 334 -0.45 21.99 12.15
C ARG D 334 -0.71 21.65 13.61
N ALA D 335 -2.00 21.55 13.97
CA ALA D 335 -2.40 21.39 15.35
C ALA D 335 -2.48 19.95 15.79
N GLY D 336 -2.32 18.99 14.89
CA GLY D 336 -2.40 17.60 15.27
C GLY D 336 -1.96 16.70 14.14
N VAL D 337 -1.54 15.48 14.50
CA VAL D 337 -1.12 14.47 13.56
C VAL D 337 -1.90 13.20 13.86
N LEU D 338 -2.57 12.66 12.84
CA LEU D 338 -3.37 11.44 12.98
C LEU D 338 -2.53 10.29 12.39
N ALA D 339 -1.68 9.71 13.23
CA ALA D 339 -0.63 8.80 12.78
C ALA D 339 -0.95 7.33 13.04
N GLY D 340 -2.20 6.93 12.87
CA GLY D 340 -2.58 5.55 13.10
C GLY D 340 -2.51 4.63 11.90
N HIS D 341 -2.03 5.11 10.76
CA HIS D 341 -2.02 4.32 9.53
C HIS D 341 -0.59 4.04 9.10
N ASP D 342 -0.38 2.85 8.55
CA ASP D 342 0.92 2.47 7.99
C ASP D 342 0.87 2.32 6.47
N ASN D 343 -0.14 2.88 5.82
CA ASN D 343 -0.17 3.01 4.36
C ASN D 343 -0.73 4.38 4.01
N ARG D 344 -0.97 4.60 2.72
CA ARG D 344 -1.47 5.88 2.24
C ARG D 344 -2.89 6.13 2.71
N VAL D 345 -3.10 7.28 3.36
CA VAL D 345 -4.46 7.71 3.67
C VAL D 345 -5.08 8.27 2.40
N SER D 346 -6.21 7.69 1.98
CA SER D 346 -6.84 8.06 0.72
C SER D 346 -8.18 8.76 0.88
N CYS D 347 -8.93 8.44 1.93
CA CYS D 347 -10.21 9.09 2.18
C CYS D 347 -10.27 9.51 3.64
N LEU D 348 -11.02 10.58 3.88
CA LEU D 348 -11.12 11.15 5.23
C LEU D 348 -12.42 11.94 5.29
N GLY D 349 -13.28 11.59 6.22
CA GLY D 349 -14.59 12.21 6.31
C GLY D 349 -14.93 12.55 7.74
N VAL D 350 -15.68 13.63 7.88
CA VAL D 350 -16.11 14.15 9.17
C VAL D 350 -17.64 14.03 9.24
N THR D 351 -18.13 13.56 10.39
CA THR D 351 -19.56 13.40 10.62
C THR D 351 -20.28 14.75 10.53
N ASP D 352 -21.59 14.68 10.25
CA ASP D 352 -22.39 15.89 10.11
C ASP D 352 -22.61 16.61 11.43
N ASP D 353 -22.52 15.92 12.56
CA ASP D 353 -22.51 16.58 13.85
C ASP D 353 -21.09 16.88 14.34
N GLY D 354 -20.07 16.56 13.55
CA GLY D 354 -18.70 16.80 13.93
C GLY D 354 -18.19 15.91 15.03
N MET D 355 -18.87 14.78 15.28
CA MET D 355 -18.52 13.95 16.43
C MET D 355 -17.27 13.12 16.17
N ALA D 356 -17.00 12.73 14.94
CA ALA D 356 -15.89 11.84 14.68
C ALA D 356 -15.33 12.07 13.29
N VAL D 357 -14.08 11.66 13.10
CA VAL D 357 -13.40 11.69 11.81
C VAL D 357 -12.98 10.26 11.49
N ALA D 358 -13.27 9.81 10.28
CA ALA D 358 -12.84 8.49 9.84
C ALA D 358 -11.83 8.64 8.72
N THR D 359 -10.60 8.22 8.99
CA THR D 359 -9.50 8.32 8.04
C THR D 359 -9.27 6.92 7.47
N GLY D 360 -9.96 6.61 6.37
CA GLY D 360 -9.67 5.39 5.66
C GLY D 360 -8.36 5.48 4.92
N SER D 361 -7.70 4.33 4.75
CA SER D 361 -6.37 4.34 4.17
C SER D 361 -6.20 3.09 3.31
N TRP D 362 -4.96 2.85 2.90
CA TRP D 362 -4.61 1.72 2.06
C TRP D 362 -4.20 0.50 2.86
N ASP D 363 -4.38 0.53 4.17
CA ASP D 363 -4.15 -0.63 5.02
C ASP D 363 -5.36 -1.56 5.06
N SER D 364 -6.40 -1.25 4.28
CA SER D 364 -7.72 -1.88 4.29
C SER D 364 -8.43 -1.72 5.62
N PHE D 365 -8.06 -0.71 6.40
CA PHE D 365 -8.68 -0.43 7.68
C PHE D 365 -9.14 1.02 7.72
N LEU D 366 -10.42 1.22 7.99
CA LEU D 366 -10.92 2.52 8.41
C LEU D 366 -10.64 2.71 9.89
N LYS D 367 -10.30 3.92 10.28
CA LYS D 367 -10.05 4.25 11.68
C LYS D 367 -10.90 5.44 12.04
N ILE D 368 -11.73 5.29 13.06
CA ILE D 368 -12.56 6.39 13.57
C ILE D 368 -11.72 7.18 14.57
N TRP D 369 -11.63 8.49 14.37
CA TRP D 369 -10.83 9.34 15.25
C TRP D 369 -11.74 10.32 15.98
N ASN D 370 -11.35 10.63 17.22
CA ASN D 370 -12.07 11.61 18.02
C ASN D 370 -11.15 12.27 19.04
N ALA E 7 -10.58 22.92 -34.67
CA ALA E 7 -9.76 22.08 -33.79
C ALA E 7 -9.59 22.74 -32.43
N SER E 8 -8.51 23.50 -32.28
CA SER E 8 -8.22 24.20 -31.03
C SER E 8 -8.88 25.58 -30.97
N ILE E 9 -9.58 26.00 -32.02
CA ILE E 9 -10.21 27.31 -32.01
C ILE E 9 -11.48 27.29 -31.16
N ALA E 10 -12.14 26.13 -31.07
CA ALA E 10 -13.39 26.05 -30.31
C ALA E 10 -13.13 26.11 -28.81
N GLN E 11 -12.12 25.37 -28.33
CA GLN E 11 -11.78 25.43 -26.91
C GLN E 11 -11.19 26.78 -26.53
N ALA E 12 -10.49 27.44 -27.46
CA ALA E 12 -10.02 28.80 -27.23
C ALA E 12 -11.19 29.77 -27.11
N ARG E 13 -12.21 29.60 -27.97
CA ARG E 13 -13.40 30.45 -27.88
C ARG E 13 -14.16 30.22 -26.57
N LYS E 14 -14.27 28.96 -26.14
CA LYS E 14 -14.93 28.66 -24.87
C LYS E 14 -14.16 29.21 -23.68
N LEU E 15 -12.82 29.13 -23.73
CA LEU E 15 -11.99 29.68 -22.65
C LEU E 15 -12.09 31.21 -22.61
N VAL E 16 -12.13 31.85 -23.78
CA VAL E 16 -12.26 33.30 -23.85
C VAL E 16 -13.63 33.74 -23.31
N GLU E 17 -14.69 33.01 -23.68
CA GLU E 17 -16.03 33.33 -23.19
C GLU E 17 -16.15 33.11 -21.67
N GLN E 18 -15.54 32.03 -21.17
CA GLN E 18 -15.55 31.76 -19.73
C GLN E 18 -14.78 32.83 -18.95
N LEU E 19 -13.62 33.25 -19.47
CA LEU E 19 -12.86 34.31 -18.82
C LEU E 19 -13.57 35.66 -18.89
N LYS E 20 -14.27 35.93 -19.99
CA LYS E 20 -15.01 37.18 -20.11
C LYS E 20 -16.20 37.22 -19.16
N MET E 21 -16.90 36.09 -19.00
CA MET E 21 -18.01 36.07 -18.05
C MET E 21 -17.57 35.88 -16.61
N GLU E 22 -16.31 35.48 -16.39
CA GLU E 22 -15.75 35.40 -15.04
C GLU E 22 -15.10 36.70 -14.59
N ALA E 23 -14.71 37.57 -15.53
CA ALA E 23 -14.10 38.84 -15.14
C ALA E 23 -15.11 39.79 -14.50
N ASN E 24 -16.36 39.78 -14.97
CA ASN E 24 -17.39 40.69 -14.47
C ASN E 24 -18.26 39.98 -13.43
N ILE E 25 -17.68 39.78 -12.25
CA ILE E 25 -18.39 39.21 -11.12
C ILE E 25 -18.31 40.18 -9.94
N ASP E 26 -19.26 40.05 -9.03
CA ASP E 26 -19.30 40.87 -7.82
C ASP E 26 -18.33 40.28 -6.81
N ARG E 27 -17.31 41.06 -6.44
CA ARG E 27 -16.21 40.60 -5.61
C ARG E 27 -16.06 41.51 -4.41
N ILE E 28 -16.31 40.96 -3.22
CA ILE E 28 -16.10 41.70 -1.98
C ILE E 28 -14.65 41.56 -1.58
N LYS E 29 -14.20 42.38 -0.64
CA LYS E 29 -12.80 42.43 -0.24
C LYS E 29 -12.39 41.15 0.49
N VAL E 30 -11.08 40.89 0.48
CA VAL E 30 -10.52 39.73 1.17
C VAL E 30 -10.67 39.86 2.67
N SER E 31 -10.57 41.09 3.19
CA SER E 31 -10.76 41.33 4.62
C SER E 31 -12.18 41.02 5.06
N LYS E 32 -13.18 41.34 4.22
CA LYS E 32 -14.56 41.06 4.55
C LYS E 32 -14.84 39.57 4.61
N ALA E 33 -14.33 38.81 3.64
CA ALA E 33 -14.53 37.36 3.62
C ALA E 33 -13.75 36.67 4.74
N ALA E 34 -12.55 37.16 5.03
CA ALA E 34 -11.76 36.62 6.14
C ALA E 34 -12.43 36.88 7.48
N ALA E 35 -12.99 38.08 7.67
CA ALA E 35 -13.73 38.37 8.89
C ALA E 35 -15.02 37.58 8.98
N ASP E 36 -15.65 37.30 7.84
CA ASP E 36 -16.84 36.44 7.83
C ASP E 36 -16.52 35.02 8.25
N LEU E 37 -15.39 34.47 7.76
CA LEU E 37 -14.99 33.13 8.18
C LEU E 37 -14.55 33.10 9.64
N MET E 38 -13.89 34.17 10.11
CA MET E 38 -13.55 34.28 11.52
C MET E 38 -14.79 34.32 12.40
N ALA E 39 -15.81 35.07 11.97
CA ALA E 39 -17.07 35.16 12.71
C ALA E 39 -17.80 33.83 12.72
N TYR E 40 -17.75 33.09 11.59
CA TYR E 40 -18.39 31.78 11.54
C TYR E 40 -17.69 30.79 12.47
N CYS E 41 -16.35 30.79 12.49
CA CYS E 41 -15.62 29.91 13.39
C CYS E 41 -15.86 30.28 14.86
N GLU E 42 -15.88 31.58 15.17
CA GLU E 42 -16.11 32.01 16.54
C GLU E 42 -17.55 31.74 16.99
N ALA E 43 -18.50 31.78 16.07
CA ALA E 43 -19.88 31.47 16.41
C ALA E 43 -20.11 29.98 16.56
N HIS E 44 -19.44 29.15 15.76
CA HIS E 44 -19.70 27.71 15.78
C HIS E 44 -18.67 26.91 16.57
N ALA E 45 -17.70 27.56 17.20
CA ALA E 45 -16.71 26.84 18.01
C ALA E 45 -17.32 26.20 19.25
N LYS E 46 -18.46 26.69 19.72
CA LYS E 46 -19.14 26.07 20.86
C LYS E 46 -19.85 24.79 20.47
N GLU E 47 -20.06 24.54 19.17
CA GLU E 47 -20.74 23.34 18.68
C GLU E 47 -19.79 22.43 17.91
N ASP E 48 -18.49 22.52 18.17
CA ASP E 48 -17.51 21.70 17.47
C ASP E 48 -16.95 20.65 18.41
N PRO E 49 -17.31 19.37 18.25
CA PRO E 49 -16.79 18.33 19.15
C PRO E 49 -15.34 17.97 18.93
N LEU E 50 -14.73 18.41 17.83
CA LEU E 50 -13.32 18.15 17.58
C LEU E 50 -12.42 19.30 18.01
N LEU E 51 -12.90 20.53 17.91
CA LEU E 51 -12.15 21.68 18.42
C LEU E 51 -12.11 21.65 19.95
N THR E 52 -13.27 21.45 20.58
CA THR E 52 -13.35 21.25 22.01
C THR E 52 -13.71 19.79 22.27
N PRO E 53 -12.83 19.02 22.91
CA PRO E 53 -13.13 17.59 23.13
C PRO E 53 -14.29 17.38 24.10
N VAL E 54 -15.04 16.31 23.84
CA VAL E 54 -16.21 15.98 24.65
C VAL E 54 -15.83 14.90 25.65
N PRO E 55 -16.45 14.87 26.84
CA PRO E 55 -16.18 13.78 27.77
C PRO E 55 -16.87 12.50 27.33
N ALA E 56 -16.50 11.40 27.98
CA ALA E 56 -17.00 10.08 27.61
C ALA E 56 -18.47 9.86 27.97
N SER E 57 -19.08 10.75 28.76
CA SER E 57 -20.49 10.62 29.08
C SER E 57 -21.38 10.88 27.87
N GLU E 58 -21.01 11.85 27.03
CA GLU E 58 -21.78 12.16 25.83
C GLU E 58 -21.00 11.86 24.56
N ASN E 59 -19.94 11.06 24.64
CA ASN E 59 -19.20 10.63 23.47
C ASN E 59 -19.70 9.28 23.01
N PRO E 60 -20.28 9.16 21.82
CA PRO E 60 -20.80 7.86 21.36
C PRO E 60 -19.72 6.91 20.84
N PHE E 61 -18.45 7.25 20.98
CA PHE E 61 -17.35 6.43 20.50
C PHE E 61 -16.44 6.06 21.67
N ARG E 62 -17.01 5.57 22.76
CA ARG E 62 -16.25 5.17 23.94
C ARG E 62 -15.28 4.02 23.66
#